data_9NA4
#
_entry.id   9NA4
#
_cell.length_a   88.880
_cell.length_b   111.790
_cell.length_c   140.830
_cell.angle_alpha   90.000
_cell.angle_beta   90.000
_cell.angle_gamma   90.000
#
_symmetry.space_group_name_H-M   'P 21 21 2'
#
loop_
_entity.id
_entity.type
_entity.pdbx_description
1 polymer 'Interleukin-1 receptor-associated kinase 4'
2 non-polymer 'methyl {[(1S,3s)-3-{[(2P)-2-[(8R)-3-cyanopyrrolo[1,2-b]pyridazin-7-yl]-5-{[(2S)-2-fluoro-3-hydroxy-3-methylbutyl]carbamoyl}pyridin-4-yl]amino}cyclobutyl]methyl}carbamate'
3 water water
#
_entity_poly.entity_id   1
_entity_poly.type   'polypeptide(L)'
_entity_poly.pdbx_seq_one_letter_code
;GAMVSDTRFHSFSFYELKNVTNNFDERPISVGGNKMGEGGFGVVYKGYVNNTTVAVKKLAAMVDITTEELKQQFDQEIKV
MAKCQHENLVELLGFSSDGDDLCLVYVYMPNGSLLDRLSCLDGTPPLSWHMRCKIAQGAANGINFLHENHHIHRDIKSAN
ILLDEAFTAKISDFGLARASEKFAQ(TPO)VM(TPO)(SEP)RIVGTTAYMAPEALRGEITPKSDIYSFGVVLLEIITGL
PAVDEHREPQLLLDIKEEIEDEEKTIEDYIDKKMNDADSTSVEAMYSVASQCLHEKKNKRPDIKKVQQLLQEMTAS
;
_entity_poly.pdbx_strand_id   A,B,C,D
#
# COMPACT_ATOMS: atom_id res chain seq x y z
N ARG A 8 22.43 -5.04 16.62
CA ARG A 8 21.40 -4.36 15.84
C ARG A 8 20.30 -5.32 15.42
N PHE A 9 20.68 -6.34 14.65
CA PHE A 9 19.74 -7.35 14.16
C PHE A 9 19.74 -8.57 15.07
N HIS A 10 18.69 -9.38 14.94
CA HIS A 10 18.50 -10.54 15.79
C HIS A 10 19.08 -11.77 15.10
N SER A 11 20.06 -12.40 15.74
CA SER A 11 20.67 -13.62 15.22
C SER A 11 19.70 -14.78 15.42
N PHE A 12 19.07 -15.21 14.34
CA PHE A 12 18.18 -16.37 14.38
C PHE A 12 19.02 -17.65 14.50
N SER A 13 18.35 -18.80 14.43
CA SER A 13 19.00 -20.09 14.32
C SER A 13 18.31 -20.87 13.21
N PHE A 14 19.09 -21.71 12.52
CA PHE A 14 18.58 -22.41 11.34
C PHE A 14 17.31 -23.18 11.64
N TYR A 15 17.25 -23.86 12.79
CA TYR A 15 16.10 -24.69 13.10
C TYR A 15 14.82 -23.87 13.24
N GLU A 16 14.92 -22.69 13.85
CA GLU A 16 13.77 -21.79 13.92
C GLU A 16 13.20 -21.52 12.54
N LEU A 17 14.07 -21.10 11.61
CA LEU A 17 13.62 -20.82 10.25
C LEU A 17 13.11 -22.09 9.57
N LYS A 18 13.82 -23.20 9.76
CA LYS A 18 13.36 -24.47 9.22
C LYS A 18 11.95 -24.81 9.70
N ASN A 19 11.64 -24.46 10.94
CA ASN A 19 10.31 -24.71 11.50
C ASN A 19 9.27 -23.74 10.93
N VAL A 20 9.56 -22.44 10.97
CA VAL A 20 8.57 -21.44 10.60
C VAL A 20 8.34 -21.34 9.10
N THR A 21 9.18 -21.98 8.28
CA THR A 21 9.03 -21.93 6.83
C THR A 21 8.62 -23.29 6.24
N ASN A 22 8.13 -24.20 7.08
CA ASN A 22 7.67 -25.52 6.63
C ASN A 22 8.80 -26.22 5.88
N ASN A 23 9.79 -26.74 6.63
CA ASN A 23 10.92 -27.47 6.07
C ASN A 23 11.51 -26.80 4.83
N PHE A 24 11.38 -25.47 4.74
CA PHE A 24 11.70 -24.72 3.54
C PHE A 24 10.99 -25.33 2.33
N ASP A 25 9.65 -25.37 2.41
CA ASP A 25 8.83 -25.97 1.38
C ASP A 25 8.98 -25.22 0.06
N GLU A 26 9.64 -25.85 -0.91
CA GLU A 26 9.88 -25.25 -2.21
C GLU A 26 8.62 -25.17 -3.06
N ARG A 27 7.50 -25.72 -2.60
CA ARG A 27 6.25 -25.62 -3.32
C ARG A 27 5.76 -24.16 -3.31
N PRO A 28 5.02 -23.75 -4.34
CA PRO A 28 4.53 -22.37 -4.37
C PRO A 28 3.45 -22.13 -3.33
N ILE A 29 3.23 -20.85 -3.02
CA ILE A 29 2.25 -20.46 -2.02
C ILE A 29 0.85 -20.89 -2.44
N SER A 30 0.55 -20.82 -3.74
CA SER A 30 -0.79 -21.13 -4.22
C SER A 30 -1.14 -22.60 -3.96
N VAL A 31 -0.21 -23.50 -4.27
CA VAL A 31 -0.46 -24.92 -4.04
C VAL A 31 -0.52 -25.22 -2.55
N GLY A 32 0.31 -24.54 -1.76
CA GLY A 32 0.31 -24.74 -0.33
C GLY A 32 1.70 -24.73 0.28
N GLY A 33 2.70 -24.37 -0.53
CA GLY A 33 4.07 -24.32 -0.08
C GLY A 33 4.45 -22.98 0.49
N ASN A 34 5.76 -22.76 0.62
CA ASN A 34 6.28 -21.54 1.22
C ASN A 34 7.18 -20.75 0.27
N LYS A 35 7.40 -21.22 -0.95
CA LYS A 35 8.30 -20.53 -1.88
C LYS A 35 7.59 -19.37 -2.55
N MET A 36 8.20 -18.18 -2.47
CA MET A 36 7.64 -16.97 -3.05
C MET A 36 8.41 -16.47 -4.26
N GLY A 37 9.60 -17.00 -4.51
CA GLY A 37 10.41 -16.54 -5.62
C GLY A 37 11.87 -16.84 -5.37
N GLU A 38 12.69 -16.53 -6.38
CA GLU A 38 14.12 -16.79 -6.32
C GLU A 38 14.85 -15.63 -6.97
N GLY A 39 16.13 -15.50 -6.63
CA GLY A 39 16.96 -14.46 -7.20
C GLY A 39 18.15 -15.03 -7.95
N GLY A 40 19.30 -14.40 -7.82
CA GLY A 40 20.51 -14.91 -8.42
C GLY A 40 21.37 -15.63 -7.41
N PHE A 41 21.11 -15.40 -6.12
CA PHE A 41 21.92 -15.95 -5.06
C PHE A 41 21.12 -16.66 -3.97
N GLY A 42 19.83 -16.89 -4.18
CA GLY A 42 19.04 -17.59 -3.19
C GLY A 42 17.59 -17.66 -3.57
N VAL A 43 16.82 -18.30 -2.69
CA VAL A 43 15.38 -18.47 -2.86
C VAL A 43 14.69 -17.85 -1.66
N VAL A 44 13.56 -17.17 -1.91
CA VAL A 44 12.83 -16.46 -0.87
C VAL A 44 11.64 -17.32 -0.44
N TYR A 45 11.57 -17.60 0.86
CA TYR A 45 10.48 -18.37 1.44
C TYR A 45 9.66 -17.52 2.40
N LYS A 46 8.40 -17.88 2.57
CA LYS A 46 7.50 -17.19 3.49
C LYS A 46 7.51 -17.89 4.84
N GLY A 47 7.49 -17.10 5.91
CA GLY A 47 7.52 -17.64 7.26
C GLY A 47 6.74 -16.78 8.23
N TYR A 48 6.53 -17.33 9.42
CA TYR A 48 5.81 -16.65 10.48
C TYR A 48 6.64 -16.69 11.76
N VAL A 49 7.07 -15.52 12.22
CA VAL A 49 7.87 -15.39 13.44
C VAL A 49 7.12 -14.45 14.37
N ASN A 50 7.11 -14.79 15.67
CA ASN A 50 6.10 -14.28 16.59
C ASN A 50 4.73 -14.57 16.00
N ASN A 51 3.99 -13.50 15.69
CA ASN A 51 2.82 -13.59 14.82
C ASN A 51 2.98 -12.68 13.61
N THR A 52 4.21 -12.32 13.28
CA THR A 52 4.52 -11.42 12.18
C THR A 52 5.03 -12.23 11.00
N THR A 53 4.52 -11.93 9.80
CA THR A 53 4.95 -12.61 8.60
C THR A 53 6.30 -12.06 8.15
N VAL A 54 7.20 -12.96 7.76
CA VAL A 54 8.55 -12.59 7.35
C VAL A 54 8.89 -13.28 6.04
N ALA A 55 9.84 -12.68 5.32
CA ALA A 55 10.43 -13.29 4.14
C ALA A 55 11.80 -13.83 4.51
N VAL A 56 12.09 -15.06 4.07
CA VAL A 56 13.35 -15.73 4.39
C VAL A 56 14.08 -15.96 3.07
N LYS A 57 15.30 -15.42 2.95
CA LYS A 57 16.15 -15.65 1.79
C LYS A 57 17.23 -16.65 2.19
N LYS A 58 17.15 -17.85 1.61
CA LYS A 58 18.14 -18.89 1.87
C LYS A 58 19.17 -18.89 0.73
N LEU A 59 20.36 -18.40 1.02
CA LEU A 59 21.42 -18.28 0.02
C LEU A 59 22.05 -19.64 -0.30
N ILE A 65 28.73 -21.13 -6.77
CA ILE A 65 29.81 -20.52 -7.52
C ILE A 65 31.06 -20.45 -6.64
N THR A 66 30.97 -19.69 -5.54
CA THR A 66 32.07 -19.44 -4.61
C THR A 66 31.47 -19.29 -3.22
N THR A 67 31.76 -20.23 -2.33
CA THR A 67 31.13 -20.22 -1.00
C THR A 67 31.60 -19.04 -0.16
N GLU A 68 32.90 -18.75 -0.16
CA GLU A 68 33.37 -17.62 0.63
C GLU A 68 32.84 -16.26 0.14
N GLU A 69 32.65 -16.05 -1.15
CA GLU A 69 32.10 -14.75 -1.53
C GLU A 69 30.58 -14.71 -1.35
N LEU A 70 29.94 -15.88 -1.33
CA LEU A 70 28.54 -15.90 -0.90
C LEU A 70 28.41 -15.40 0.53
N LYS A 71 29.35 -15.78 1.39
CA LYS A 71 29.34 -15.33 2.78
C LYS A 71 29.74 -13.86 2.89
N GLN A 72 30.63 -13.38 2.01
CA GLN A 72 30.91 -11.96 1.96
C GLN A 72 29.67 -11.17 1.54
N GLN A 73 28.92 -11.71 0.58
CA GLN A 73 27.69 -11.07 0.13
C GLN A 73 26.65 -11.09 1.23
N PHE A 74 26.60 -12.18 2.00
CA PHE A 74 25.82 -12.24 3.23
C PHE A 74 26.18 -11.08 4.15
N ASP A 75 27.47 -10.95 4.43
CA ASP A 75 27.94 -9.91 5.35
C ASP A 75 27.71 -8.52 4.78
N GLN A 76 27.94 -8.34 3.48
CA GLN A 76 27.73 -7.04 2.85
C GLN A 76 26.30 -6.58 3.02
N GLU A 77 25.34 -7.45 2.76
CA GLU A 77 23.94 -7.07 2.91
C GLU A 77 23.64 -6.59 4.34
N ILE A 78 24.15 -7.29 5.35
CA ILE A 78 24.00 -6.81 6.72
C ILE A 78 24.77 -5.51 6.91
N LYS A 79 26.00 -5.45 6.40
CA LYS A 79 26.82 -4.25 6.53
C LYS A 79 26.11 -3.02 6.00
N VAL A 80 25.53 -3.12 4.79
CA VAL A 80 24.81 -1.98 4.23
C VAL A 80 23.48 -1.77 4.94
N MET A 81 22.77 -2.85 5.27
CA MET A 81 21.44 -2.67 5.87
C MET A 81 21.53 -2.05 7.27
N ALA A 82 22.65 -2.23 7.95
CA ALA A 82 22.78 -1.66 9.28
C ALA A 82 22.88 -0.14 9.23
N LYS A 83 23.45 0.41 8.16
CA LYS A 83 23.62 1.86 8.02
C LYS A 83 22.62 2.48 7.06
N CYS A 84 21.68 1.70 6.51
CA CYS A 84 20.74 2.19 5.51
C CYS A 84 19.32 1.91 6.00
N GLN A 85 18.62 2.96 6.39
CA GLN A 85 17.23 2.87 6.86
C GLN A 85 16.44 3.99 6.22
N HIS A 86 15.51 3.65 5.34
CA HIS A 86 14.74 4.64 4.62
C HIS A 86 13.35 4.09 4.33
N GLU A 87 12.39 5.00 4.13
CA GLU A 87 11.02 4.60 3.84
C GLU A 87 10.95 3.70 2.62
N ASN A 88 11.81 3.94 1.62
CA ASN A 88 11.79 3.18 0.38
C ASN A 88 12.91 2.14 0.33
N LEU A 89 13.33 1.63 1.48
CA LEU A 89 14.28 0.53 1.56
C LEU A 89 13.66 -0.59 2.39
N VAL A 90 13.89 -1.83 1.95
CA VAL A 90 13.40 -2.97 2.71
C VAL A 90 14.08 -3.02 4.07
N GLU A 91 13.44 -3.70 5.01
CA GLU A 91 13.92 -3.79 6.40
C GLU A 91 14.40 -5.20 6.68
N LEU A 92 15.65 -5.33 7.12
CA LEU A 92 16.19 -6.60 7.56
C LEU A 92 15.87 -6.80 9.03
N LEU A 93 15.35 -7.99 9.37
CA LEU A 93 15.01 -8.33 10.74
C LEU A 93 16.13 -9.11 11.44
N GLY A 94 16.69 -10.10 10.77
CA GLY A 94 17.74 -10.89 11.37
C GLY A 94 18.56 -11.62 10.33
N PHE A 95 19.36 -12.57 10.81
CA PHE A 95 20.23 -13.37 9.96
C PHE A 95 20.41 -14.73 10.60
N SER A 96 21.26 -15.56 9.98
CA SER A 96 21.54 -16.91 10.49
C SER A 96 22.85 -17.38 9.86
N SER A 97 23.96 -17.08 10.53
CA SER A 97 25.28 -17.43 10.03
C SER A 97 25.45 -18.94 9.91
N ASP A 101 23.84 -23.69 5.86
CA ASP A 101 23.15 -22.80 4.93
C ASP A 101 22.91 -21.44 5.55
N LEU A 102 23.05 -20.39 4.75
CA LEU A 102 22.97 -19.01 5.18
C LEU A 102 21.61 -18.42 4.85
N CYS A 103 21.09 -17.59 5.76
CA CYS A 103 19.71 -17.13 5.70
C CYS A 103 19.60 -15.69 6.18
N LEU A 104 18.71 -14.93 5.53
CA LEU A 104 18.41 -13.56 5.90
C LEU A 104 16.90 -13.39 6.02
N VAL A 105 16.46 -12.81 7.13
CA VAL A 105 15.05 -12.66 7.46
C VAL A 105 14.67 -11.19 7.33
N TYR A 106 13.65 -10.91 6.51
CA TYR A 106 13.17 -9.55 6.29
C TYR A 106 11.71 -9.43 6.70
N VAL A 107 11.23 -8.19 6.70
CA VAL A 107 9.80 -7.93 6.88
C VAL A 107 9.07 -8.28 5.59
N TYR A 108 8.00 -9.06 5.73
CA TYR A 108 7.22 -9.51 4.57
C TYR A 108 6.63 -8.33 3.81
N MET A 109 6.77 -8.36 2.49
CA MET A 109 6.18 -7.34 1.62
C MET A 109 4.89 -7.90 1.06
N PRO A 110 3.72 -7.37 1.47
CA PRO A 110 2.46 -8.01 1.08
C PRO A 110 2.23 -8.09 -0.41
N ASN A 111 2.76 -7.15 -1.19
CA ASN A 111 2.50 -7.11 -2.63
C ASN A 111 3.69 -7.57 -3.47
N GLY A 112 4.68 -8.21 -2.86
CA GLY A 112 5.78 -8.81 -3.58
C GLY A 112 6.58 -7.82 -4.40
N SER A 113 7.01 -8.28 -5.58
CA SER A 113 7.94 -7.54 -6.41
C SER A 113 7.22 -6.77 -7.52
N LEU A 114 7.83 -5.65 -7.91
CA LEU A 114 7.31 -4.87 -9.04
C LEU A 114 7.29 -5.70 -10.31
N LEU A 115 8.27 -6.58 -10.49
CA LEU A 115 8.28 -7.46 -11.65
C LEU A 115 7.06 -8.35 -11.70
N ASP A 116 6.69 -8.95 -10.55
CA ASP A 116 5.56 -9.86 -10.53
C ASP A 116 4.24 -9.12 -10.70
N ARG A 117 4.15 -7.88 -10.21
CA ARG A 117 2.91 -7.13 -10.34
C ARG A 117 2.73 -6.56 -11.74
N LEU A 118 3.83 -6.18 -12.41
CA LEU A 118 3.72 -5.78 -13.81
C LEU A 118 3.28 -6.95 -14.67
N SER A 119 3.54 -8.18 -14.22
CA SER A 119 3.11 -9.38 -14.94
C SER A 119 1.76 -9.89 -14.48
N CYS A 120 1.17 -9.29 -13.44
CA CYS A 120 -0.07 -9.78 -12.85
C CYS A 120 0.06 -11.24 -12.42
N LEU A 121 1.23 -11.59 -11.88
CA LEU A 121 1.49 -12.96 -11.48
C LEU A 121 0.50 -13.41 -10.42
N ASP A 122 0.09 -14.67 -10.49
CA ASP A 122 -0.86 -15.26 -9.55
C ASP A 122 -2.19 -14.53 -9.54
N GLY A 123 -2.53 -13.88 -10.67
CA GLY A 123 -3.83 -13.28 -10.84
C GLY A 123 -4.02 -11.91 -10.20
N THR A 124 -2.94 -11.24 -9.81
CA THR A 124 -3.09 -9.93 -9.18
C THR A 124 -3.57 -8.90 -10.20
N PRO A 125 -4.37 -7.92 -9.77
CA PRO A 125 -4.90 -6.94 -10.72
C PRO A 125 -3.80 -6.04 -11.24
N PRO A 126 -3.91 -5.53 -12.47
CA PRO A 126 -2.84 -4.70 -13.04
C PRO A 126 -2.70 -3.38 -12.30
N LEU A 127 -1.46 -2.93 -12.19
CA LEU A 127 -1.18 -1.65 -11.55
C LEU A 127 -1.68 -0.50 -12.41
N SER A 128 -2.39 0.43 -11.79
CA SER A 128 -2.84 1.63 -12.49
C SER A 128 -1.66 2.55 -12.75
N TRP A 129 -1.85 3.49 -13.68
CA TRP A 129 -0.82 4.49 -13.94
C TRP A 129 -0.57 5.36 -12.73
N HIS A 130 -1.60 5.65 -11.94
CA HIS A 130 -1.42 6.43 -10.73
C HIS A 130 -0.53 5.70 -9.74
N MET A 131 -0.74 4.39 -9.58
CA MET A 131 0.13 3.63 -8.69
CA MET A 131 0.12 3.60 -8.70
C MET A 131 1.53 3.50 -9.26
N ARG A 132 1.65 3.33 -10.58
CA ARG A 132 2.97 3.19 -11.19
C ARG A 132 3.81 4.44 -10.99
N CYS A 133 3.17 5.61 -11.08
CA CYS A 133 3.89 6.87 -10.86
C CYS A 133 4.41 6.96 -9.43
N LYS A 134 3.59 6.60 -8.45
CA LYS A 134 4.05 6.63 -7.06
C LYS A 134 5.19 5.64 -6.84
N ILE A 135 5.11 4.47 -7.48
CA ILE A 135 6.17 3.47 -7.33
C ILE A 135 7.48 3.99 -7.89
N ALA A 136 7.43 4.61 -9.07
CA ALA A 136 8.66 5.14 -9.68
C ALA A 136 9.27 6.23 -8.81
N GLN A 137 8.44 7.10 -8.22
CA GLN A 137 8.98 8.13 -7.34
C GLN A 137 9.60 7.51 -6.09
N GLY A 138 8.94 6.53 -5.49
CA GLY A 138 9.48 5.92 -4.28
C GLY A 138 10.80 5.22 -4.52
N ALA A 139 10.90 4.45 -5.60
CA ALA A 139 12.15 3.79 -5.93
C ALA A 139 13.27 4.81 -6.17
N ALA A 140 12.93 5.95 -6.77
CA ALA A 140 13.92 7.01 -6.96
C ALA A 140 14.36 7.60 -5.64
N ASN A 141 13.43 7.74 -4.68
CA ASN A 141 13.80 8.23 -3.35
C ASN A 141 14.71 7.24 -2.63
N GLY A 142 14.53 5.95 -2.87
CA GLY A 142 15.40 4.96 -2.25
C GLY A 142 16.81 4.97 -2.81
N ILE A 143 16.92 5.00 -4.14
CA ILE A 143 18.24 5.08 -4.76
C ILE A 143 18.95 6.37 -4.34
N ASN A 144 18.20 7.47 -4.26
CA ASN A 144 18.78 8.73 -3.82
C ASN A 144 19.34 8.62 -2.41
N PHE A 145 18.63 7.94 -1.52
CA PHE A 145 19.13 7.75 -0.16
C PHE A 145 20.44 6.96 -0.18
N LEU A 146 20.52 5.95 -1.06
CA LEU A 146 21.74 5.16 -1.14
C LEU A 146 22.89 5.98 -1.72
N HIS A 147 22.64 6.68 -2.82
CA HIS A 147 23.69 7.50 -3.43
C HIS A 147 24.10 8.66 -2.52
N GLU A 148 23.17 9.18 -1.73
CA GLU A 148 23.53 10.22 -0.77
C GLU A 148 24.41 9.68 0.35
N ASN A 149 24.25 8.40 0.70
CA ASN A 149 25.12 7.74 1.64
C ASN A 149 26.29 7.03 0.95
N HIS A 150 26.56 7.39 -0.31
CA HIS A 150 27.73 6.90 -1.05
C HIS A 150 27.72 5.37 -1.15
N HIS A 151 26.59 4.84 -1.59
CA HIS A 151 26.43 3.41 -1.83
C HIS A 151 25.93 3.19 -3.25
N ILE A 152 26.43 2.13 -3.88
CA ILE A 152 26.01 1.74 -5.22
C ILE A 152 25.35 0.37 -5.12
N HIS A 153 24.12 0.27 -5.60
CA HIS A 153 23.36 -0.97 -5.43
C HIS A 153 23.92 -2.08 -6.32
N ARG A 154 24.15 -1.77 -7.60
CA ARG A 154 24.72 -2.65 -8.62
C ARG A 154 23.75 -3.73 -9.11
N ASP A 155 22.46 -3.62 -8.77
CA ASP A 155 21.49 -4.58 -9.28
C ASP A 155 20.08 -4.00 -9.23
N ILE A 156 19.93 -2.75 -9.68
CA ILE A 156 18.62 -2.12 -9.73
C ILE A 156 17.78 -2.82 -10.81
N LYS A 157 16.72 -3.51 -10.39
CA LYS A 157 15.79 -4.13 -11.31
C LYS A 157 14.43 -4.25 -10.63
N SER A 158 13.40 -4.52 -11.44
CA SER A 158 12.05 -4.54 -10.93
C SER A 158 11.81 -5.72 -9.98
N ALA A 159 12.54 -6.82 -10.17
CA ALA A 159 12.47 -7.93 -9.22
C ALA A 159 13.12 -7.57 -7.89
N ASN A 160 13.88 -6.49 -7.84
CA ASN A 160 14.49 -6.02 -6.61
C ASN A 160 13.79 -4.79 -6.04
N ILE A 161 12.71 -4.34 -6.66
CA ILE A 161 11.86 -3.29 -6.11
C ILE A 161 10.59 -3.97 -5.60
N LEU A 162 10.42 -3.99 -4.29
CA LEU A 162 9.29 -4.67 -3.65
C LEU A 162 8.22 -3.65 -3.25
N LEU A 163 7.02 -4.16 -2.96
CA LEU A 163 5.86 -3.32 -2.72
C LEU A 163 5.18 -3.75 -1.43
N ASP A 164 4.86 -2.78 -0.58
CA ASP A 164 4.34 -3.08 0.76
C ASP A 164 2.81 -3.06 0.74
N GLU A 165 2.19 -2.93 1.91
CA GLU A 165 0.74 -2.95 2.02
C GLU A 165 0.09 -1.73 1.37
N ALA A 166 0.84 -0.65 1.16
CA ALA A 166 0.33 0.53 0.46
C ALA A 166 0.93 0.65 -0.94
N PHE A 167 1.50 -0.43 -1.47
CA PHE A 167 2.19 -0.43 -2.75
C PHE A 167 3.31 0.61 -2.78
N THR A 168 3.95 0.81 -1.63
CA THR A 168 5.10 1.70 -1.55
C THR A 168 6.34 0.93 -2.01
N ALA A 169 7.13 1.54 -2.88
CA ALA A 169 8.29 0.86 -3.43
C ALA A 169 9.41 0.77 -2.40
N LYS A 170 10.04 -0.41 -2.34
CA LYS A 170 11.17 -0.64 -1.45
C LYS A 170 12.22 -1.45 -2.17
N ILE A 171 13.45 -0.94 -2.19
CA ILE A 171 14.56 -1.61 -2.86
C ILE A 171 15.13 -2.69 -1.96
N SER A 172 15.42 -3.85 -2.53
CA SER A 172 15.96 -4.96 -1.75
C SER A 172 17.24 -5.52 -2.38
N ASP A 173 17.74 -6.62 -1.80
CA ASP A 173 18.95 -7.30 -2.25
C ASP A 173 20.14 -6.34 -2.35
N PHE A 174 20.71 -5.99 -1.20
CA PHE A 174 21.91 -5.16 -1.15
C PHE A 174 23.18 -5.99 -1.02
N GLY A 175 23.14 -7.26 -1.46
CA GLY A 175 24.28 -8.15 -1.31
C GLY A 175 25.43 -7.85 -2.26
N LEU A 176 25.16 -7.12 -3.34
CA LEU A 176 26.20 -6.69 -4.27
C LEU A 176 26.55 -5.23 -4.09
N ALA A 177 26.05 -4.58 -3.05
CA ALA A 177 26.26 -3.16 -2.85
C ALA A 177 27.74 -2.88 -2.60
N ARG A 178 28.15 -1.65 -2.92
CA ARG A 178 29.53 -1.23 -2.73
C ARG A 178 29.54 0.25 -2.37
N ALA A 179 30.64 0.69 -1.79
CA ALA A 179 30.80 2.08 -1.39
C ALA A 179 31.50 2.88 -2.50
N SER A 180 31.20 4.17 -2.55
CA SER A 180 31.78 5.05 -3.56
C SER A 180 32.60 6.17 -2.91
N VAL A 187 35.95 3.25 -10.17
CA VAL A 187 36.87 2.12 -10.01
C VAL A 187 36.45 0.95 -10.88
N MET A 188 37.32 -0.04 -11.00
CA MET A 188 37.05 -1.24 -11.79
C MET A 188 37.18 -2.49 -10.95
N ARG A 191 35.32 -8.94 -10.80
CA ARG A 191 34.11 -9.74 -10.64
C ARG A 191 32.89 -8.96 -11.13
N ILE A 192 32.70 -8.93 -12.45
CA ILE A 192 31.53 -8.26 -13.03
C ILE A 192 30.28 -9.03 -12.63
N VAL A 193 29.30 -8.32 -12.05
CA VAL A 193 28.14 -8.99 -11.49
C VAL A 193 26.93 -8.09 -11.65
N GLY A 194 25.81 -8.68 -12.06
CA GLY A 194 24.59 -7.94 -12.27
C GLY A 194 23.66 -8.74 -13.15
N THR A 195 22.58 -8.07 -13.58
CA THR A 195 21.59 -8.65 -14.48
C THR A 195 21.75 -7.97 -15.85
N THR A 196 22.25 -8.74 -16.82
CA THR A 196 22.74 -8.16 -18.08
C THR A 196 21.75 -7.22 -18.72
N ALA A 197 20.45 -7.55 -18.66
CA ALA A 197 19.45 -6.74 -19.35
C ALA A 197 19.24 -5.37 -18.71
N TYR A 198 19.81 -5.14 -17.52
CA TYR A 198 19.67 -3.86 -16.83
C TYR A 198 20.97 -3.05 -16.74
N MET A 199 22.11 -3.64 -17.10
CA MET A 199 23.40 -3.02 -16.83
C MET A 199 23.80 -2.03 -17.92
N ALA A 200 24.35 -0.91 -17.48
CA ALA A 200 24.95 0.06 -18.38
C ALA A 200 26.19 -0.53 -19.04
N PRO A 201 26.61 0.03 -20.18
CA PRO A 201 27.79 -0.54 -20.87
C PRO A 201 29.05 -0.51 -20.03
N GLU A 202 29.28 0.58 -19.27
CA GLU A 202 30.49 0.64 -18.45
C GLU A 202 30.48 -0.40 -17.34
N ALA A 203 29.28 -0.78 -16.86
CA ALA A 203 29.20 -1.82 -15.84
C ALA A 203 29.56 -3.17 -16.42
N LEU A 204 29.13 -3.45 -17.65
CA LEU A 204 29.51 -4.69 -18.31
C LEU A 204 30.99 -4.73 -18.66
N ARG A 205 31.63 -3.56 -18.76
CA ARG A 205 33.07 -3.52 -18.96
C ARG A 205 33.86 -3.65 -17.67
N GLY A 206 33.21 -3.54 -16.52
CA GLY A 206 33.86 -3.72 -15.23
C GLY A 206 33.93 -2.47 -14.37
N GLU A 207 33.35 -1.35 -14.76
CA GLU A 207 33.42 -0.14 -13.95
C GLU A 207 32.39 -0.16 -12.85
N ILE A 208 32.70 0.53 -11.75
CA ILE A 208 31.82 0.61 -10.58
C ILE A 208 31.54 2.08 -10.33
N THR A 209 30.30 2.51 -10.59
CA THR A 209 29.95 3.91 -10.49
C THR A 209 28.45 4.02 -10.24
N PRO A 210 28.01 5.02 -9.46
CA PRO A 210 26.56 5.21 -9.29
C PRO A 210 25.84 5.55 -10.58
N LYS A 211 26.57 5.99 -11.60
CA LYS A 211 25.94 6.27 -12.89
C LYS A 211 25.36 5.01 -13.52
N SER A 212 25.86 3.83 -13.16
CA SER A 212 25.25 2.59 -13.63
C SER A 212 23.90 2.35 -12.99
N ASP A 213 23.72 2.79 -11.74
CA ASP A 213 22.42 2.65 -11.08
C ASP A 213 21.35 3.46 -11.80
N ILE A 214 21.72 4.64 -12.31
CA ILE A 214 20.78 5.47 -13.06
C ILE A 214 20.32 4.74 -14.32
N TYR A 215 21.28 4.17 -15.07
CA TYR A 215 20.94 3.47 -16.29
C TYR A 215 19.99 2.31 -16.04
N SER A 216 20.23 1.54 -14.98
CA SER A 216 19.33 0.44 -14.65
C SER A 216 17.94 0.95 -14.28
N PHE A 217 17.88 2.07 -13.56
CA PHE A 217 16.58 2.66 -13.23
C PHE A 217 15.82 3.05 -14.49
N GLY A 218 16.52 3.53 -15.50
CA GLY A 218 15.86 3.85 -16.76
C GLY A 218 15.21 2.64 -17.40
N VAL A 219 15.87 1.48 -17.31
CA VAL A 219 15.24 0.25 -17.78
C VAL A 219 13.98 -0.05 -16.98
N VAL A 220 14.04 0.17 -15.66
CA VAL A 220 12.87 -0.03 -14.80
C VAL A 220 11.74 0.90 -15.24
N LEU A 221 12.06 2.15 -15.53
CA LEU A 221 11.04 3.08 -16.01
C LEU A 221 10.39 2.59 -17.30
N LEU A 222 11.16 1.90 -18.15
CA LEU A 222 10.58 1.36 -19.37
C LEU A 222 9.66 0.19 -19.07
N GLU A 223 10.03 -0.67 -18.11
CA GLU A 223 9.13 -1.75 -17.72
C GLU A 223 7.85 -1.22 -17.10
N ILE A 224 7.94 -0.11 -16.36
CA ILE A 224 6.76 0.47 -15.75
C ILE A 224 5.82 1.03 -16.82
N ILE A 225 6.39 1.69 -17.85
CA ILE A 225 5.56 2.27 -18.89
C ILE A 225 4.94 1.20 -19.75
N THR A 226 5.73 0.20 -20.15
CA THR A 226 5.30 -0.80 -21.12
C THR A 226 4.70 -2.04 -20.47
N GLY A 227 5.04 -2.34 -19.22
CA GLY A 227 4.62 -3.59 -18.64
C GLY A 227 5.29 -4.81 -19.23
N LEU A 228 6.42 -4.63 -19.92
CA LEU A 228 7.16 -5.70 -20.58
C LEU A 228 8.40 -6.06 -19.79
N PRO A 229 8.77 -7.34 -19.74
CA PRO A 229 9.99 -7.74 -19.05
C PRO A 229 11.22 -7.20 -19.77
N ALA A 230 12.30 -7.02 -19.00
CA ALA A 230 13.52 -6.44 -19.55
C ALA A 230 14.12 -7.32 -20.64
N VAL A 231 13.98 -8.65 -20.52
CA VAL A 231 14.46 -9.57 -21.54
C VAL A 231 13.41 -10.66 -21.72
N ASP A 232 13.12 -10.98 -22.99
CA ASP A 232 12.22 -12.05 -23.35
C ASP A 232 12.79 -12.75 -24.57
N GLU A 233 13.13 -14.04 -24.42
CA GLU A 233 13.75 -14.77 -25.52
C GLU A 233 12.84 -14.87 -26.74
N HIS A 234 11.53 -14.96 -26.51
CA HIS A 234 10.57 -15.14 -27.59
C HIS A 234 9.85 -13.83 -27.91
N ARG A 235 10.62 -12.78 -28.16
CA ARG A 235 10.08 -11.46 -28.43
C ARG A 235 11.06 -10.67 -29.28
N GLU A 236 10.52 -9.81 -30.14
CA GLU A 236 11.34 -8.91 -30.95
C GLU A 236 10.97 -7.47 -30.63
N PRO A 237 11.86 -6.69 -30.02
CA PRO A 237 13.24 -7.04 -29.63
C PRO A 237 13.27 -7.87 -28.37
N GLN A 238 14.36 -8.60 -28.16
CA GLN A 238 14.53 -9.37 -26.94
C GLN A 238 14.91 -8.48 -25.77
N LEU A 239 15.57 -7.36 -26.03
CA LEU A 239 15.97 -6.42 -25.00
C LEU A 239 15.05 -5.21 -25.02
N LEU A 240 14.54 -4.83 -23.84
CA LEU A 240 13.61 -3.72 -23.76
C LEU A 240 14.29 -2.39 -24.11
N LEU A 241 15.52 -2.19 -23.64
CA LEU A 241 16.23 -0.93 -23.86
C LEU A 241 16.43 -0.62 -25.34
N ASP A 242 16.21 -1.58 -26.23
CA ASP A 242 16.36 -1.32 -27.66
C ASP A 242 15.14 -0.62 -28.26
N ILE A 243 14.05 -0.48 -27.51
CA ILE A 243 12.91 0.27 -28.03
C ILE A 243 13.19 1.77 -28.03
N LYS A 244 14.20 2.21 -27.27
CA LYS A 244 14.55 3.64 -27.28
C LYS A 244 15.04 4.08 -28.65
N GLU A 245 15.81 3.23 -29.33
CA GLU A 245 16.30 3.58 -30.66
C GLU A 245 15.21 3.49 -31.72
N GLU A 246 14.28 2.55 -31.60
CA GLU A 246 13.17 2.49 -32.53
C GLU A 246 12.34 3.76 -32.48
N ILE A 247 12.03 4.23 -31.26
CA ILE A 247 11.30 5.48 -31.12
C ILE A 247 12.15 6.65 -31.61
N GLU A 248 13.45 6.64 -31.32
CA GLU A 248 14.33 7.70 -31.79
C GLU A 248 14.43 7.72 -33.30
N ASP A 249 14.37 6.53 -33.94
CA ASP A 249 14.45 6.41 -35.39
C ASP A 249 13.10 6.60 -36.07
N GLU A 250 12.17 7.31 -35.43
CA GLU A 250 10.89 7.71 -36.01
C GLU A 250 10.01 6.54 -36.42
N GLU A 251 10.50 5.31 -36.25
CA GLU A 251 9.70 4.14 -36.60
C GLU A 251 8.47 4.03 -35.70
N LYS A 252 8.65 4.15 -34.39
CA LYS A 252 7.57 4.06 -33.43
C LYS A 252 7.60 5.27 -32.52
N THR A 253 6.54 5.42 -31.73
CA THR A 253 6.52 6.39 -30.65
C THR A 253 6.19 5.66 -29.35
N ILE A 254 6.35 6.37 -28.23
CA ILE A 254 6.15 5.74 -26.93
C ILE A 254 4.73 5.22 -26.75
N GLU A 255 3.77 5.78 -27.50
CA GLU A 255 2.38 5.36 -27.35
C GLU A 255 2.11 3.99 -27.95
N ASP A 256 2.94 3.53 -28.89
CA ASP A 256 2.80 2.17 -29.41
C ASP A 256 3.24 1.11 -28.41
N TYR A 257 3.87 1.50 -27.32
CA TYR A 257 4.39 0.56 -26.34
C TYR A 257 3.75 0.68 -24.97
N ILE A 258 2.90 1.69 -24.74
CA ILE A 258 2.28 1.86 -23.43
C ILE A 258 1.52 0.60 -23.05
N ASP A 259 1.71 0.16 -21.81
CA ASP A 259 0.96 -0.99 -21.30
C ASP A 259 -0.53 -0.77 -21.49
N LYS A 260 -1.16 -1.67 -22.23
CA LYS A 260 -2.58 -1.58 -22.48
C LYS A 260 -3.44 -2.01 -21.29
N LYS A 261 -2.81 -2.53 -20.24
CA LYS A 261 -3.53 -2.99 -19.07
C LYS A 261 -3.76 -1.83 -18.10
N MET A 262 -3.96 -0.64 -18.64
CA MET A 262 -4.21 0.56 -17.87
C MET A 262 -5.35 1.33 -18.49
N ASN A 263 -6.12 2.01 -17.65
CA ASN A 263 -7.20 2.89 -18.12
C ASN A 263 -7.01 4.33 -17.71
N ASP A 264 -5.98 4.66 -16.94
CA ASP A 264 -5.80 6.00 -16.39
C ASP A 264 -4.53 6.68 -16.89
N ALA A 265 -3.96 6.20 -17.99
CA ALA A 265 -2.73 6.77 -18.54
C ALA A 265 -3.07 7.93 -19.46
N ASP A 266 -2.35 9.03 -19.31
CA ASP A 266 -2.44 10.17 -20.20
C ASP A 266 -1.12 10.34 -20.95
N SER A 267 -1.20 10.94 -22.15
CA SER A 267 -0.03 11.00 -23.01
C SER A 267 1.07 11.86 -22.41
N THR A 268 0.71 12.95 -21.74
CA THR A 268 1.72 13.87 -21.21
C THR A 268 2.56 13.20 -20.11
N SER A 269 1.89 12.59 -19.12
CA SER A 269 2.62 11.98 -18.02
C SER A 269 3.51 10.84 -18.51
N VAL A 270 3.02 10.02 -19.42
CA VAL A 270 3.82 8.91 -19.93
C VAL A 270 5.01 9.44 -20.71
N GLU A 271 4.77 10.37 -21.64
CA GLU A 271 5.87 10.98 -22.37
C GLU A 271 6.84 11.69 -21.43
N ALA A 272 6.34 12.21 -20.31
CA ALA A 272 7.23 12.77 -19.31
C ALA A 272 8.12 11.70 -18.70
N MET A 273 7.55 10.54 -18.38
CA MET A 273 8.34 9.47 -17.79
C MET A 273 9.33 8.88 -18.80
N TYR A 274 8.92 8.82 -20.08
CA TYR A 274 9.83 8.28 -21.09
C TYR A 274 11.05 9.18 -21.26
N SER A 275 10.85 10.50 -21.19
CA SER A 275 11.98 11.42 -21.31
C SER A 275 12.97 11.23 -20.18
N VAL A 276 12.49 10.94 -18.97
CA VAL A 276 13.39 10.63 -17.87
C VAL A 276 14.17 9.35 -18.17
N ALA A 277 13.46 8.31 -18.60
CA ALA A 277 14.12 7.04 -18.91
C ALA A 277 15.11 7.20 -20.05
N SER A 278 14.74 7.95 -21.08
CA SER A 278 15.65 8.19 -22.19
C SER A 278 16.93 8.87 -21.72
N GLN A 279 16.80 9.86 -20.84
CA GLN A 279 17.98 10.52 -20.28
C GLN A 279 18.82 9.54 -19.47
N CYS A 280 18.17 8.66 -18.71
CA CYS A 280 18.89 7.69 -17.90
C CYS A 280 19.60 6.65 -18.75
N LEU A 281 19.08 6.38 -19.95
CA LEU A 281 19.62 5.35 -20.81
C LEU A 281 20.61 5.90 -21.84
N HIS A 282 21.16 7.09 -21.60
CA HIS A 282 22.23 7.60 -22.44
C HIS A 282 23.43 6.67 -22.35
N GLU A 283 23.96 6.29 -23.51
CA GLU A 283 25.06 5.31 -23.52
C GLU A 283 26.32 5.88 -22.88
N LYS A 284 26.51 7.20 -22.94
CA LYS A 284 27.62 7.85 -22.27
C LYS A 284 27.25 8.14 -20.83
N LYS A 285 28.06 7.64 -19.89
CA LYS A 285 27.69 7.69 -18.47
C LYS A 285 27.65 9.12 -17.94
N ASN A 286 28.52 10.00 -18.44
CA ASN A 286 28.59 11.35 -17.91
C ASN A 286 27.48 12.26 -18.42
N LYS A 287 26.71 11.82 -19.40
CA LYS A 287 25.58 12.58 -19.90
C LYS A 287 24.28 12.24 -19.19
N ARG A 288 24.24 11.13 -18.46
CA ARG A 288 23.03 10.78 -17.73
C ARG A 288 22.83 11.75 -16.56
N PRO A 289 21.58 11.95 -16.14
CA PRO A 289 21.32 12.79 -14.97
C PRO A 289 21.66 12.07 -13.67
N ASP A 290 22.03 12.87 -12.67
CA ASP A 290 22.17 12.34 -11.32
C ASP A 290 20.80 11.91 -10.79
N ILE A 291 20.81 11.16 -9.69
CA ILE A 291 19.55 10.67 -9.14
C ILE A 291 18.71 11.82 -8.61
N LYS A 292 19.34 12.89 -8.13
CA LYS A 292 18.60 14.03 -7.63
C LYS A 292 17.75 14.67 -8.73
N LYS A 293 18.34 14.85 -9.92
CA LYS A 293 17.57 15.38 -11.03
C LYS A 293 16.46 14.41 -11.43
N VAL A 294 16.72 13.11 -11.37
CA VAL A 294 15.70 12.12 -11.66
C VAL A 294 14.52 12.27 -10.71
N GLN A 295 14.80 12.45 -9.42
CA GLN A 295 13.74 12.75 -8.44
C GLN A 295 12.96 13.99 -8.86
N GLN A 296 13.68 15.06 -9.23
CA GLN A 296 13.02 16.30 -9.62
C GLN A 296 12.07 16.06 -10.79
N LEU A 297 12.57 15.45 -11.86
CA LEU A 297 11.76 15.27 -13.06
C LEU A 297 10.56 14.37 -12.80
N LEU A 298 10.70 13.36 -11.94
CA LEU A 298 9.58 12.49 -11.64
C LEU A 298 8.51 13.20 -10.81
N GLN A 299 8.90 14.18 -9.99
CA GLN A 299 7.91 14.91 -9.20
C GLN A 299 7.19 15.97 -10.04
N GLU A 300 7.92 16.64 -10.94
CA GLU A 300 7.26 17.58 -11.85
C GLU A 300 6.25 16.90 -12.74
N MET A 301 6.49 15.62 -13.06
CA MET A 301 5.57 14.87 -13.91
C MET A 301 4.18 14.75 -13.29
N THR A 302 4.10 14.68 -11.96
CA THR A 302 2.81 14.55 -11.29
C THR A 302 2.30 15.86 -10.72
N ALA A 303 3.15 16.87 -10.58
CA ALA A 303 2.73 18.14 -9.99
C ALA A 303 2.57 19.21 -11.05
N ARG B 8 43.58 -29.54 -47.15
CA ARG B 8 44.82 -28.79 -47.37
C ARG B 8 45.66 -28.73 -46.10
N PHE B 9 45.00 -28.72 -44.95
CA PHE B 9 45.71 -28.72 -43.68
C PHE B 9 46.34 -30.09 -43.42
N HIS B 10 47.48 -30.07 -42.74
CA HIS B 10 48.21 -31.28 -42.40
C HIS B 10 47.91 -31.66 -40.96
N SER B 11 47.50 -32.91 -40.75
CA SER B 11 47.21 -33.40 -39.41
C SER B 11 48.52 -33.73 -38.70
N PHE B 12 48.74 -33.11 -37.54
CA PHE B 12 49.95 -33.31 -36.77
C PHE B 12 49.66 -34.23 -35.58
N SER B 13 50.72 -34.53 -34.83
CA SER B 13 50.61 -35.18 -33.53
C SER B 13 51.36 -34.35 -32.50
N PHE B 14 51.25 -34.76 -31.24
CA PHE B 14 51.79 -33.92 -30.17
C PHE B 14 53.31 -33.99 -30.08
N TYR B 15 53.92 -35.15 -30.36
CA TYR B 15 55.35 -35.31 -30.06
C TYR B 15 56.21 -34.37 -30.88
N GLU B 16 55.87 -34.15 -32.14
CA GLU B 16 56.70 -33.29 -32.97
C GLU B 16 56.62 -31.85 -32.50
N LEU B 17 55.41 -31.36 -32.25
CA LEU B 17 55.22 -30.06 -31.62
C LEU B 17 56.01 -29.97 -30.32
N LYS B 18 55.75 -30.91 -29.41
CA LYS B 18 56.50 -30.96 -28.16
C LYS B 18 58.00 -31.00 -28.38
N ASN B 19 58.45 -31.59 -29.49
CA ASN B 19 59.88 -31.63 -29.79
C ASN B 19 60.38 -30.28 -30.26
N VAL B 20 59.66 -29.63 -31.18
CA VAL B 20 60.15 -28.37 -31.75
C VAL B 20 59.89 -27.18 -30.83
N THR B 21 58.97 -27.32 -29.88
CA THR B 21 58.75 -26.29 -28.87
C THR B 21 59.51 -26.58 -27.59
N ASN B 22 60.47 -27.50 -27.62
CA ASN B 22 61.23 -27.93 -26.45
C ASN B 22 60.28 -28.27 -25.30
N ASN B 23 59.40 -29.25 -25.57
CA ASN B 23 58.50 -29.82 -24.58
C ASN B 23 57.45 -28.82 -24.11
N PHE B 24 56.96 -27.99 -25.04
CA PHE B 24 56.01 -26.92 -24.72
C PHE B 24 56.53 -26.11 -23.54
N ASP B 25 57.68 -25.48 -23.76
CA ASP B 25 58.50 -24.94 -22.68
C ASP B 25 57.69 -24.05 -21.73
N GLU B 26 56.72 -23.30 -22.27
CA GLU B 26 55.88 -22.39 -21.50
C GLU B 26 56.69 -21.26 -20.88
N ARG B 27 58.01 -21.35 -20.93
CA ARG B 27 58.94 -20.31 -20.53
C ARG B 27 59.17 -19.34 -21.69
N PRO B 28 59.20 -18.04 -21.41
CA PRO B 28 59.31 -17.06 -22.50
C PRO B 28 60.66 -17.15 -23.21
N ILE B 29 60.63 -16.83 -24.50
CA ILE B 29 61.85 -16.82 -25.31
C ILE B 29 62.83 -15.77 -24.81
N SER B 30 62.35 -14.76 -24.08
CA SER B 30 63.22 -13.69 -23.60
C SER B 30 64.40 -14.22 -22.80
N VAL B 31 64.14 -15.19 -21.92
CA VAL B 31 65.19 -15.76 -21.08
C VAL B 31 65.47 -17.19 -21.52
N GLY B 32 65.30 -17.46 -22.80
CA GLY B 32 65.42 -18.82 -23.29
C GLY B 32 64.14 -19.60 -23.06
N GLY B 33 63.54 -20.08 -24.14
CA GLY B 33 62.25 -20.71 -24.08
C GLY B 33 61.58 -20.59 -25.43
N ASN B 34 60.29 -20.95 -25.47
CA ASN B 34 59.55 -20.98 -26.73
C ASN B 34 58.20 -20.29 -26.66
N LYS B 35 57.66 -20.01 -25.48
CA LYS B 35 56.37 -19.34 -25.38
C LYS B 35 56.48 -17.89 -25.87
N MET B 36 55.65 -17.53 -26.85
CA MET B 36 55.64 -16.18 -27.38
C MET B 36 54.50 -15.33 -26.83
N GLY B 37 53.47 -15.95 -26.27
CA GLY B 37 52.35 -15.22 -25.74
C GLY B 37 51.21 -16.16 -25.42
N GLU B 38 50.11 -15.57 -24.98
CA GLU B 38 48.93 -16.33 -24.60
C GLU B 38 47.69 -15.56 -24.98
N GLY B 39 46.55 -16.24 -24.94
CA GLY B 39 45.26 -15.64 -25.18
C GLY B 39 44.22 -16.14 -24.19
N GLY B 40 42.97 -15.77 -24.38
CA GLY B 40 41.91 -16.25 -23.50
C GLY B 40 41.57 -17.72 -23.65
N PHE B 41 42.19 -18.43 -24.61
CA PHE B 41 41.83 -19.81 -24.85
C PHE B 41 43.03 -20.67 -25.25
N GLY B 42 44.25 -20.19 -25.12
CA GLY B 42 45.39 -20.99 -25.52
C GLY B 42 46.69 -20.23 -25.37
N VAL B 43 47.78 -20.95 -25.57
CA VAL B 43 49.14 -20.41 -25.48
C VAL B 43 49.85 -20.66 -26.81
N VAL B 44 50.71 -19.72 -27.19
CA VAL B 44 51.37 -19.74 -28.49
C VAL B 44 52.87 -19.94 -28.29
N TYR B 45 53.40 -21.00 -28.86
CA TYR B 45 54.82 -21.32 -28.81
C TYR B 45 55.45 -21.23 -30.19
N LYS B 46 56.74 -20.96 -30.23
CA LYS B 46 57.50 -20.96 -31.49
C LYS B 46 58.04 -22.37 -31.73
N GLY B 47 57.82 -22.86 -32.95
CA GLY B 47 58.30 -24.18 -33.35
C GLY B 47 59.00 -24.12 -34.69
N TYR B 48 59.37 -25.31 -35.18
CA TYR B 48 60.19 -25.41 -36.40
C TYR B 48 59.83 -26.71 -37.12
N VAL B 49 58.82 -26.65 -37.97
CA VAL B 49 58.47 -27.79 -38.82
C VAL B 49 59.26 -27.68 -40.12
N ASN B 50 60.06 -28.71 -40.42
CA ASN B 50 60.97 -28.72 -41.56
C ASN B 50 61.91 -27.53 -41.42
N ASN B 51 62.01 -26.62 -42.40
CA ASN B 51 62.77 -25.40 -42.24
C ASN B 51 61.87 -24.19 -42.04
N THR B 52 60.57 -24.41 -41.85
CA THR B 52 59.60 -23.33 -41.74
C THR B 52 59.30 -23.08 -40.26
N THR B 53 59.49 -21.84 -39.82
CA THR B 53 59.14 -21.47 -38.46
C THR B 53 57.63 -21.39 -38.32
N VAL B 54 57.09 -22.04 -37.29
CA VAL B 54 55.65 -22.08 -37.08
C VAL B 54 55.32 -21.55 -35.70
N ALA B 55 54.09 -21.09 -35.56
CA ALA B 55 53.49 -20.80 -34.27
C ALA B 55 52.42 -21.84 -34.00
N VAL B 56 52.50 -22.49 -32.84
CA VAL B 56 51.57 -23.54 -32.44
C VAL B 56 50.78 -23.04 -31.25
N LYS B 57 49.46 -23.14 -31.34
CA LYS B 57 48.55 -22.70 -30.29
C LYS B 57 47.99 -23.93 -29.59
N LYS B 58 48.37 -24.10 -28.32
CA LYS B 58 47.84 -25.18 -27.50
C LYS B 58 46.63 -24.65 -26.75
N LEU B 59 45.45 -25.12 -27.14
CA LEU B 59 44.21 -24.60 -26.57
C LEU B 59 44.06 -25.04 -25.11
N ALA B 60 43.60 -24.12 -24.28
CA ALA B 60 43.35 -24.40 -22.86
C ALA B 60 42.41 -23.37 -22.28
N ILE B 65 35.06 -22.51 -18.89
CA ILE B 65 35.02 -22.95 -20.28
C ILE B 65 35.05 -24.47 -20.35
N THR B 66 33.98 -25.06 -20.89
CA THR B 66 33.89 -26.51 -21.03
C THR B 66 34.82 -27.00 -22.13
N THR B 67 35.38 -28.20 -21.93
CA THR B 67 36.10 -28.86 -23.01
C THR B 67 35.19 -29.07 -24.22
N GLU B 68 33.91 -29.34 -23.98
CA GLU B 68 32.96 -29.51 -25.07
C GLU B 68 32.68 -28.22 -25.82
N GLU B 69 32.91 -27.05 -25.22
CA GLU B 69 32.83 -25.85 -26.04
C GLU B 69 34.19 -25.38 -26.54
N LEU B 70 35.28 -25.84 -25.92
CA LEU B 70 36.60 -25.50 -26.44
C LEU B 70 36.88 -26.22 -27.76
N LYS B 71 36.41 -27.47 -27.88
CA LYS B 71 36.60 -28.19 -29.14
C LYS B 71 35.74 -27.59 -30.24
N GLN B 72 34.60 -27.00 -29.89
CA GLN B 72 33.78 -26.32 -30.88
C GLN B 72 34.52 -25.13 -31.48
N GLN B 73 35.22 -24.35 -30.65
CA GLN B 73 36.04 -23.26 -31.17
C GLN B 73 37.20 -23.80 -31.98
N PHE B 74 37.76 -24.95 -31.57
CA PHE B 74 38.77 -25.62 -32.38
C PHE B 74 38.22 -25.98 -33.75
N ASP B 75 37.07 -26.65 -33.79
CA ASP B 75 36.45 -26.98 -35.06
C ASP B 75 36.05 -25.73 -35.83
N GLN B 76 35.61 -24.69 -35.12
CA GLN B 76 35.18 -23.46 -35.80
C GLN B 76 36.34 -22.77 -36.50
N GLU B 77 37.48 -22.67 -35.83
CA GLU B 77 38.63 -22.01 -36.43
C GLU B 77 39.08 -22.72 -37.70
N ILE B 78 39.15 -24.06 -37.66
CA ILE B 78 39.55 -24.81 -38.84
C ILE B 78 38.53 -24.64 -39.95
N LYS B 79 37.24 -24.61 -39.60
CA LYS B 79 36.20 -24.40 -40.61
C LYS B 79 36.35 -23.04 -41.27
N VAL B 80 36.66 -22.01 -40.49
CA VAL B 80 36.79 -20.67 -41.06
C VAL B 80 38.09 -20.54 -41.85
N MET B 81 39.18 -21.12 -41.32
CA MET B 81 40.46 -21.03 -42.02
C MET B 81 40.46 -21.83 -43.31
N ALA B 82 39.65 -22.89 -43.38
CA ALA B 82 39.59 -23.67 -44.62
C ALA B 82 38.92 -22.90 -45.75
N LYS B 83 38.00 -22.00 -45.41
CA LYS B 83 37.26 -21.24 -46.41
C LYS B 83 37.82 -19.86 -46.67
N CYS B 84 38.49 -19.25 -45.69
CA CYS B 84 38.95 -17.88 -45.78
C CYS B 84 40.47 -17.86 -45.90
N GLN B 85 40.97 -17.53 -47.09
CA GLN B 85 42.39 -17.35 -47.32
C GLN B 85 42.59 -15.99 -47.99
N HIS B 86 43.41 -15.14 -47.36
CA HIS B 86 43.57 -13.76 -47.79
C HIS B 86 44.92 -13.26 -47.31
N GLU B 87 45.47 -12.27 -48.03
CA GLU B 87 46.78 -11.74 -47.66
C GLU B 87 46.77 -11.14 -46.26
N ASN B 88 45.63 -10.59 -45.84
CA ASN B 88 45.50 -9.94 -44.54
C ASN B 88 44.88 -10.84 -43.49
N LEU B 89 44.91 -12.15 -43.70
CA LEU B 89 44.48 -13.12 -42.70
C LEU B 89 45.64 -14.06 -42.38
N VAL B 90 45.64 -14.55 -41.15
CA VAL B 90 46.65 -15.51 -40.73
C VAL B 90 46.44 -16.82 -41.49
N GLU B 91 47.53 -17.55 -41.72
CA GLU B 91 47.48 -18.82 -42.45
C GLU B 91 47.69 -19.97 -41.50
N LEU B 92 46.74 -20.91 -41.50
CA LEU B 92 46.82 -22.11 -40.67
C LEU B 92 47.43 -23.24 -41.48
N LEU B 93 48.45 -23.89 -40.91
CA LEU B 93 49.12 -24.98 -41.60
C LEU B 93 48.54 -26.34 -41.25
N GLY B 94 47.99 -26.49 -40.04
CA GLY B 94 47.44 -27.78 -39.66
C GLY B 94 46.86 -27.73 -38.25
N PHE B 95 46.47 -28.90 -37.77
CA PHE B 95 45.86 -29.04 -36.46
C PHE B 95 46.48 -30.26 -35.77
N SER B 96 46.02 -30.53 -34.55
CA SER B 96 46.52 -31.68 -33.79
C SER B 96 45.46 -32.05 -32.76
N SER B 97 44.68 -33.08 -33.07
CA SER B 97 43.64 -33.55 -32.16
C SER B 97 43.96 -34.94 -31.63
N LEU B 102 44.52 -30.58 -28.22
CA LEU B 102 43.98 -29.76 -29.30
C LEU B 102 44.93 -28.60 -29.60
N CYS B 103 45.64 -28.69 -30.73
CA CYS B 103 46.63 -27.70 -31.11
C CYS B 103 46.36 -27.19 -32.52
N LEU B 104 46.82 -25.98 -32.79
CA LEU B 104 46.70 -25.34 -34.09
C LEU B 104 48.05 -24.77 -34.49
N VAL B 105 48.48 -25.06 -35.72
CA VAL B 105 49.80 -24.69 -36.20
C VAL B 105 49.65 -23.67 -37.33
N TYR B 106 50.33 -22.54 -37.19
CA TYR B 106 50.25 -21.45 -38.15
C TYR B 106 51.64 -21.11 -38.67
N VAL B 107 51.65 -20.24 -39.68
CA VAL B 107 52.90 -19.67 -40.17
C VAL B 107 53.35 -18.58 -39.19
N TYR B 108 54.61 -18.67 -38.77
CA TYR B 108 55.16 -17.74 -37.79
C TYR B 108 55.12 -16.30 -38.30
N MET B 109 54.66 -15.38 -37.44
CA MET B 109 54.59 -13.98 -37.80
C MET B 109 55.79 -13.26 -37.19
N PRO B 110 56.79 -12.87 -37.99
CA PRO B 110 58.06 -12.42 -37.41
C PRO B 110 57.97 -11.13 -36.60
N ASN B 111 56.89 -10.36 -36.70
CA ASN B 111 56.78 -9.13 -35.93
C ASN B 111 55.67 -9.19 -34.89
N GLY B 112 55.09 -10.36 -34.66
CA GLY B 112 54.15 -10.56 -33.57
C GLY B 112 52.89 -9.71 -33.70
N SER B 113 52.37 -9.30 -32.55
CA SER B 113 51.09 -8.61 -32.48
C SER B 113 51.25 -7.10 -32.55
N LEU B 114 50.22 -6.44 -33.07
CA LEU B 114 50.20 -4.98 -33.11
C LEU B 114 50.22 -4.40 -31.70
N LEU B 115 49.59 -5.07 -30.75
CA LEU B 115 49.61 -4.61 -29.35
C LEU B 115 51.04 -4.56 -28.82
N ASP B 116 51.81 -5.62 -29.08
CA ASP B 116 53.18 -5.67 -28.56
C ASP B 116 54.07 -4.65 -29.26
N ARG B 117 53.86 -4.41 -30.56
CA ARG B 117 54.66 -3.43 -31.27
C ARG B 117 54.26 -2.00 -30.93
N LEU B 118 52.96 -1.77 -30.69
CA LEU B 118 52.53 -0.45 -30.23
C LEU B 118 53.14 -0.10 -28.88
N SER B 119 53.43 -1.09 -28.05
CA SER B 119 54.06 -0.87 -26.75
C SER B 119 55.57 -1.05 -26.79
N CYS B 120 56.14 -1.33 -27.96
CA CYS B 120 57.58 -1.54 -28.12
C CYS B 120 58.08 -2.65 -27.19
N LEU B 121 57.31 -3.72 -27.09
CA LEU B 121 57.69 -4.85 -26.25
C LEU B 121 58.99 -5.47 -26.73
N ASP B 122 59.83 -5.84 -25.78
CA ASP B 122 61.12 -6.51 -26.04
C ASP B 122 62.05 -5.65 -26.90
N GLY B 123 61.86 -4.33 -26.85
CA GLY B 123 62.79 -3.39 -27.44
C GLY B 123 62.63 -3.13 -28.92
N THR B 124 61.51 -3.51 -29.52
CA THR B 124 61.32 -3.26 -30.94
C THR B 124 61.06 -1.77 -31.16
N PRO B 125 61.52 -1.21 -32.29
CA PRO B 125 61.38 0.23 -32.49
C PRO B 125 59.93 0.62 -32.66
N PRO B 126 59.55 1.83 -32.22
CA PRO B 126 58.16 2.27 -32.38
C PRO B 126 57.77 2.37 -33.84
N LEU B 127 56.53 2.02 -34.13
CA LEU B 127 56.01 2.10 -35.49
C LEU B 127 55.85 3.55 -35.93
N SER B 128 56.18 3.82 -37.18
CA SER B 128 55.99 5.15 -37.74
C SER B 128 54.54 5.36 -38.13
N TRP B 129 54.19 6.63 -38.35
CA TRP B 129 52.83 6.95 -38.77
C TRP B 129 52.51 6.32 -40.12
N HIS B 130 53.47 6.33 -41.05
CA HIS B 130 53.22 5.75 -42.37
C HIS B 130 52.92 4.26 -42.27
N MET B 131 53.69 3.53 -41.46
CA MET B 131 53.42 2.12 -41.28
C MET B 131 52.14 1.88 -40.49
N ARG B 132 51.83 2.75 -39.54
CA ARG B 132 50.57 2.61 -38.81
C ARG B 132 49.37 2.79 -39.73
N CYS B 133 49.47 3.69 -40.71
CA CYS B 133 48.38 3.87 -41.67
C CYS B 133 48.23 2.64 -42.56
N LYS B 134 49.34 2.03 -42.98
CA LYS B 134 49.24 0.82 -43.78
C LYS B 134 48.67 -0.35 -42.97
N ILE B 135 49.04 -0.43 -41.69
CA ILE B 135 48.54 -1.51 -40.85
C ILE B 135 47.04 -1.39 -40.66
N ALA B 136 46.53 -0.17 -40.51
CA ALA B 136 45.09 0.02 -40.40
C ALA B 136 44.38 -0.33 -41.70
N GLN B 137 44.99 -0.01 -42.84
CA GLN B 137 44.39 -0.35 -44.13
C GLN B 137 44.34 -1.86 -44.32
N GLY B 138 45.46 -2.54 -44.04
CA GLY B 138 45.50 -3.99 -44.21
C GLY B 138 44.52 -4.70 -43.30
N ALA B 139 44.45 -4.29 -42.03
CA ALA B 139 43.50 -4.88 -41.11
C ALA B 139 42.06 -4.65 -41.57
N ALA B 140 41.76 -3.45 -42.07
CA ALA B 140 40.44 -3.19 -42.62
C ALA B 140 40.18 -4.05 -43.84
N ASN B 141 41.22 -4.27 -44.66
CA ASN B 141 41.08 -5.14 -45.82
C ASN B 141 40.78 -6.58 -45.41
N GLY B 142 41.30 -7.02 -44.26
CA GLY B 142 41.04 -8.38 -43.82
C GLY B 142 39.64 -8.55 -43.26
N ILE B 143 39.18 -7.60 -42.44
CA ILE B 143 37.84 -7.69 -41.86
C ILE B 143 36.79 -7.70 -42.96
N ASN B 144 36.99 -6.91 -44.01
CA ASN B 144 36.02 -6.88 -45.10
C ASN B 144 35.96 -8.21 -45.82
N PHE B 145 37.09 -8.90 -45.95
CA PHE B 145 37.08 -10.22 -46.56
C PHE B 145 36.21 -11.18 -45.75
N LEU B 146 36.30 -11.10 -44.43
CA LEU B 146 35.46 -11.94 -43.57
C LEU B 146 34.00 -11.54 -43.68
N HIS B 147 33.72 -10.23 -43.64
CA HIS B 147 32.34 -9.78 -43.73
C HIS B 147 31.76 -10.05 -45.11
N GLU B 148 32.59 -9.98 -46.17
CA GLU B 148 32.12 -10.35 -47.50
C GLU B 148 31.78 -11.83 -47.59
N ASN B 149 32.51 -12.67 -46.87
CA ASN B 149 32.22 -14.09 -46.79
C ASN B 149 31.23 -14.42 -45.67
N HIS B 150 30.54 -13.40 -45.14
CA HIS B 150 29.50 -13.58 -44.13
C HIS B 150 30.06 -14.25 -42.87
N HIS B 151 31.13 -13.65 -42.34
CA HIS B 151 31.74 -14.10 -41.09
C HIS B 151 31.88 -12.93 -40.14
N ILE B 152 31.69 -13.20 -38.85
CA ILE B 152 31.87 -12.21 -37.79
C ILE B 152 32.98 -12.72 -36.88
N HIS B 153 34.02 -11.89 -36.69
CA HIS B 153 35.18 -12.35 -35.94
C HIS B 153 34.89 -12.45 -34.46
N ARG B 154 34.20 -11.45 -33.89
CA ARG B 154 33.75 -11.37 -32.50
C ARG B 154 34.85 -11.06 -31.51
N ASP B 155 36.11 -10.95 -31.93
CA ASP B 155 37.19 -10.62 -31.01
C ASP B 155 38.26 -9.79 -31.73
N ILE B 156 37.83 -8.71 -32.38
CA ILE B 156 38.78 -7.79 -33.00
C ILE B 156 39.52 -7.03 -31.91
N LYS B 157 40.84 -7.21 -31.83
CA LYS B 157 41.68 -6.47 -30.91
C LYS B 157 43.10 -6.45 -31.45
N SER B 158 43.92 -5.54 -30.91
CA SER B 158 45.28 -5.38 -31.41
C SER B 158 46.13 -6.62 -31.14
N ALA B 159 45.82 -7.38 -30.09
CA ALA B 159 46.55 -8.61 -29.84
C ALA B 159 46.23 -9.69 -30.86
N ASN B 160 45.14 -9.54 -31.61
CA ASN B 160 44.77 -10.48 -32.66
C ASN B 160 45.05 -9.95 -34.06
N ILE B 161 45.71 -8.80 -34.18
CA ILE B 161 46.18 -8.29 -35.46
C ILE B 161 47.70 -8.48 -35.47
N LEU B 162 48.16 -9.48 -36.23
CA LEU B 162 49.56 -9.83 -36.25
C LEU B 162 50.24 -9.22 -37.47
N LEU B 163 51.57 -9.11 -37.39
CA LEU B 163 52.37 -8.42 -38.40
C LEU B 163 53.50 -9.33 -38.88
N ASP B 164 53.72 -9.33 -40.19
CA ASP B 164 54.79 -10.12 -40.77
C ASP B 164 56.03 -9.24 -40.95
N GLU B 165 57.00 -9.72 -41.73
CA GLU B 165 58.27 -9.01 -41.87
C GLU B 165 58.11 -7.69 -42.63
N ALA B 166 57.13 -7.61 -43.52
CA ALA B 166 56.81 -6.35 -44.19
C ALA B 166 55.77 -5.54 -43.41
N PHE B 167 55.48 -5.93 -42.17
CA PHE B 167 54.46 -5.29 -41.34
C PHE B 167 53.10 -5.31 -42.04
N THR B 168 52.83 -6.40 -42.75
CA THR B 168 51.51 -6.64 -43.33
C THR B 168 50.58 -7.13 -42.22
N ALA B 169 49.49 -6.40 -42.00
CA ALA B 169 48.58 -6.74 -40.91
C ALA B 169 47.80 -8.00 -41.28
N LYS B 170 47.71 -8.93 -40.33
CA LYS B 170 46.94 -10.16 -40.52
C LYS B 170 46.08 -10.42 -39.29
N ILE B 171 44.82 -10.74 -39.51
CA ILE B 171 43.86 -10.98 -38.44
C ILE B 171 43.89 -12.46 -38.07
N SER B 172 43.95 -12.74 -36.77
CA SER B 172 44.13 -14.11 -36.28
C SER B 172 43.06 -14.44 -35.25
N ASP B 173 43.15 -15.67 -34.71
CA ASP B 173 42.25 -16.18 -33.68
C ASP B 173 40.80 -16.18 -34.15
N PHE B 174 40.42 -17.20 -34.92
CA PHE B 174 39.06 -17.34 -35.45
C PHE B 174 38.24 -18.36 -34.68
N GLY B 175 38.58 -18.59 -33.41
CA GLY B 175 37.87 -19.57 -32.62
C GLY B 175 36.46 -19.15 -32.24
N LEU B 176 36.22 -17.85 -32.12
CA LEU B 176 34.91 -17.32 -31.79
C LEU B 176 34.11 -16.90 -33.02
N ALA B 177 34.62 -17.17 -34.22
CA ALA B 177 33.98 -16.71 -35.44
C ALA B 177 32.62 -17.38 -35.63
N ARG B 178 31.71 -16.64 -36.29
CA ARG B 178 30.38 -17.16 -36.57
C ARG B 178 29.90 -16.58 -37.89
N ALA B 179 29.05 -17.35 -38.58
CA ALA B 179 28.51 -16.93 -39.86
C ALA B 179 27.37 -15.93 -39.66
N SER B 180 27.32 -14.93 -40.55
CA SER B 180 26.29 -13.90 -40.48
C SER B 180 25.01 -14.36 -41.18
N VAL B 187 20.92 -11.64 -34.41
CA VAL B 187 20.72 -12.74 -33.47
C VAL B 187 21.38 -12.53 -32.11
N MET B 188 21.08 -13.42 -31.17
CA MET B 188 21.62 -13.35 -29.81
C MET B 188 22.07 -14.72 -29.30
N ARG B 191 26.29 -17.63 -24.44
CA ARG B 191 27.70 -17.56 -24.03
C ARG B 191 28.37 -16.32 -24.62
N ILE B 192 28.47 -15.27 -23.81
CA ILE B 192 29.11 -14.03 -24.24
C ILE B 192 30.62 -14.18 -24.06
N VAL B 193 31.36 -13.96 -25.14
CA VAL B 193 32.82 -14.07 -25.12
C VAL B 193 33.41 -12.85 -25.81
N GLY B 194 34.70 -12.63 -25.57
CA GLY B 194 35.43 -11.52 -26.15
C GLY B 194 36.18 -10.76 -25.10
N THR B 195 36.76 -9.64 -25.51
CA THR B 195 37.56 -8.78 -24.64
C THR B 195 36.72 -7.53 -24.36
N THR B 196 36.35 -7.35 -23.09
CA THR B 196 35.38 -6.30 -22.74
C THR B 196 35.86 -4.92 -23.15
N ALA B 197 37.17 -4.66 -23.08
CA ALA B 197 37.68 -3.33 -23.39
C ALA B 197 37.49 -2.95 -24.85
N TYR B 198 37.24 -3.92 -25.74
CA TYR B 198 37.05 -3.64 -27.15
C TYR B 198 35.62 -3.84 -27.62
N MET B 199 34.76 -4.42 -26.80
CA MET B 199 33.44 -4.85 -27.27
C MET B 199 32.45 -3.69 -27.32
N ALA B 200 31.51 -3.80 -28.25
CA ALA B 200 30.41 -2.87 -28.38
C ALA B 200 29.36 -3.16 -27.31
N PRO B 201 28.56 -2.16 -26.92
CA PRO B 201 27.55 -2.41 -25.88
C PRO B 201 26.57 -3.51 -26.24
N GLU B 202 26.11 -3.56 -27.51
CA GLU B 202 25.19 -4.62 -27.90
C GLU B 202 25.86 -5.99 -27.84
N ALA B 203 27.17 -6.06 -28.11
CA ALA B 203 27.88 -7.33 -27.98
C ALA B 203 28.04 -7.73 -26.53
N LEU B 204 28.22 -6.75 -25.63
CA LEU B 204 28.30 -7.05 -24.21
C LEU B 204 26.97 -7.59 -23.67
N ARG B 205 25.87 -7.36 -24.38
CA ARG B 205 24.56 -7.85 -23.98
C ARG B 205 24.18 -9.16 -24.64
N GLY B 206 25.02 -9.70 -25.52
CA GLY B 206 24.77 -10.98 -26.15
C GLY B 206 24.41 -10.95 -27.62
N GLU B 207 24.43 -9.78 -28.26
CA GLU B 207 24.11 -9.69 -29.67
C GLU B 207 25.32 -10.10 -30.52
N ILE B 208 25.02 -10.61 -31.72
CA ILE B 208 26.03 -11.05 -32.67
C ILE B 208 25.74 -10.39 -34.01
N THR B 209 26.62 -9.47 -34.42
CA THR B 209 26.41 -8.70 -35.64
C THR B 209 27.76 -8.19 -36.12
N PRO B 210 27.96 -8.05 -37.43
CA PRO B 210 29.22 -7.44 -37.92
C PRO B 210 29.40 -6.00 -37.49
N LYS B 211 28.33 -5.33 -37.03
CA LYS B 211 28.49 -3.99 -36.49
C LYS B 211 29.39 -3.98 -35.26
N SER B 212 29.36 -5.05 -34.46
CA SER B 212 30.23 -5.12 -33.29
C SER B 212 31.70 -5.17 -33.69
N ASP B 213 32.02 -5.81 -34.82
CA ASP B 213 33.39 -5.82 -35.30
C ASP B 213 33.86 -4.42 -35.65
N ILE B 214 32.99 -3.62 -36.28
CA ILE B 214 33.34 -2.26 -36.64
C ILE B 214 33.66 -1.44 -35.38
N TYR B 215 32.86 -1.61 -34.33
CA TYR B 215 33.11 -0.89 -33.09
C TYR B 215 34.48 -1.26 -32.51
N SER B 216 34.78 -2.55 -32.47
CA SER B 216 36.07 -2.99 -31.95
C SER B 216 37.22 -2.48 -32.81
N PHE B 217 37.01 -2.36 -34.12
CA PHE B 217 38.06 -1.83 -34.98
C PHE B 217 38.35 -0.38 -34.66
N GLY B 218 37.30 0.41 -34.39
CA GLY B 218 37.50 1.79 -33.99
C GLY B 218 38.31 1.93 -32.71
N VAL B 219 38.22 0.95 -31.81
CA VAL B 219 39.05 0.96 -30.62
C VAL B 219 40.51 0.72 -31.01
N VAL B 220 40.75 -0.19 -31.96
CA VAL B 220 42.11 -0.44 -32.43
C VAL B 220 42.70 0.83 -33.05
N LEU B 221 41.88 1.56 -33.82
CA LEU B 221 42.34 2.81 -34.42
C LEU B 221 42.78 3.80 -33.36
N LEU B 222 42.07 3.84 -32.22
CA LEU B 222 42.50 4.71 -31.12
C LEU B 222 43.83 4.26 -30.54
N GLU B 223 44.03 2.95 -30.41
CA GLU B 223 45.33 2.43 -29.99
C GLU B 223 46.42 2.82 -30.98
N ILE B 224 46.10 2.78 -32.28
CA ILE B 224 47.08 3.14 -33.29
C ILE B 224 47.45 4.62 -33.19
N ILE B 225 46.44 5.48 -32.98
CA ILE B 225 46.70 6.92 -32.85
C ILE B 225 47.49 7.22 -31.58
N THR B 226 47.06 6.65 -30.46
CA THR B 226 47.60 7.03 -29.15
C THR B 226 48.79 6.18 -28.71
N GLY B 227 48.94 4.98 -29.25
CA GLY B 227 49.94 4.07 -28.71
C GLY B 227 49.65 3.57 -27.32
N LEU B 228 48.43 3.80 -26.81
CA LEU B 228 47.97 3.45 -25.47
C LEU B 228 47.16 2.16 -25.49
N PRO B 229 47.36 1.30 -24.51
CA PRO B 229 46.54 0.08 -24.43
C PRO B 229 45.09 0.43 -24.21
N ALA B 230 44.20 -0.46 -24.68
CA ALA B 230 42.77 -0.21 -24.57
C ALA B 230 42.32 -0.16 -23.11
N VAL B 231 43.04 -0.84 -22.22
CA VAL B 231 42.72 -0.83 -20.80
C VAL B 231 44.03 -0.84 -20.02
N ASP B 232 44.12 0.02 -19.01
CA ASP B 232 45.25 0.08 -18.10
C ASP B 232 44.72 0.36 -16.71
N GLU B 233 44.92 -0.59 -15.79
CA GLU B 233 44.38 -0.44 -14.44
C GLU B 233 45.07 0.66 -13.65
N HIS B 234 46.31 1.02 -14.02
CA HIS B 234 47.03 2.11 -13.37
C HIS B 234 46.99 3.40 -14.19
N ARG B 235 45.91 3.61 -14.94
CA ARG B 235 45.77 4.78 -15.79
C ARG B 235 44.42 5.44 -15.54
N GLU B 236 44.37 6.74 -15.75
CA GLU B 236 43.14 7.52 -15.59
C GLU B 236 42.91 8.35 -16.85
N PRO B 237 41.86 8.07 -17.64
CA PRO B 237 40.86 7.01 -17.46
C PRO B 237 41.40 5.63 -17.78
N GLN B 238 40.84 4.59 -17.15
CA GLN B 238 41.38 3.25 -17.32
C GLN B 238 41.06 2.67 -18.69
N LEU B 239 39.91 3.03 -19.26
CA LEU B 239 39.47 2.49 -20.54
C LEU B 239 39.73 3.49 -21.65
N LEU B 240 40.27 3.01 -22.76
CA LEU B 240 40.65 3.90 -23.85
C LEU B 240 39.44 4.53 -24.51
N LEU B 241 38.38 3.76 -24.75
CA LEU B 241 37.19 4.32 -25.39
C LEU B 241 36.56 5.44 -24.59
N ASP B 242 37.05 5.72 -23.37
CA ASP B 242 36.56 6.84 -22.59
C ASP B 242 37.22 8.17 -22.97
N ILE B 243 38.35 8.15 -23.67
CA ILE B 243 38.98 9.40 -24.06
C ILE B 243 38.21 10.09 -25.19
N LYS B 244 37.36 9.34 -25.91
CA LYS B 244 36.59 9.95 -26.99
C LYS B 244 35.58 10.95 -26.45
N GLU B 245 35.00 10.67 -25.28
CA GLU B 245 34.10 11.64 -24.66
C GLU B 245 34.87 12.85 -24.13
N GLU B 246 36.07 12.63 -23.60
CA GLU B 246 36.88 13.75 -23.12
C GLU B 246 37.22 14.71 -24.25
N ILE B 247 37.51 14.16 -25.45
CA ILE B 247 37.80 15.02 -26.60
C ILE B 247 36.53 15.68 -27.10
N GLU B 248 35.42 14.92 -27.14
CA GLU B 248 34.16 15.48 -27.65
C GLU B 248 33.63 16.58 -26.75
N ASP B 249 33.94 16.54 -25.46
CA ASP B 249 33.56 17.60 -24.53
C ASP B 249 34.48 18.81 -24.62
N GLU B 250 35.41 18.82 -25.56
CA GLU B 250 36.41 19.88 -25.77
C GLU B 250 37.32 20.08 -24.56
N GLU B 251 37.25 19.19 -23.57
CA GLU B 251 38.23 19.21 -22.48
C GLU B 251 39.61 18.78 -22.96
N LYS B 252 39.67 18.03 -24.06
CA LYS B 252 40.93 17.59 -24.64
C LYS B 252 40.81 17.63 -26.15
N THR B 253 41.96 17.58 -26.82
CA THR B 253 42.02 17.49 -28.27
C THR B 253 42.72 16.19 -28.67
N ILE B 254 42.49 15.78 -29.92
CA ILE B 254 43.15 14.57 -30.41
C ILE B 254 44.66 14.77 -30.49
N GLU B 255 45.13 16.01 -30.60
CA GLU B 255 46.57 16.26 -30.62
C GLU B 255 47.22 15.93 -29.29
N ASP B 256 46.51 16.19 -28.19
CA ASP B 256 47.07 15.89 -26.86
C ASP B 256 47.28 14.40 -26.65
N TYR B 257 46.65 13.55 -27.46
CA TYR B 257 46.73 12.11 -27.29
C TYR B 257 47.49 11.41 -28.40
N ILE B 258 48.00 12.15 -29.40
CA ILE B 258 48.81 11.55 -30.44
C ILE B 258 50.03 10.90 -29.80
N ASP B 259 50.32 9.67 -30.19
CA ASP B 259 51.52 8.99 -29.69
C ASP B 259 52.75 9.82 -30.00
N LYS B 260 53.50 10.18 -28.95
CA LYS B 260 54.71 10.98 -29.11
C LYS B 260 55.89 10.18 -29.63
N LYS B 261 55.78 8.86 -29.73
CA LYS B 261 56.86 8.02 -30.24
C LYS B 261 56.91 7.97 -31.76
N MET B 262 56.68 9.09 -32.43
CA MET B 262 56.76 9.15 -33.88
C MET B 262 57.02 10.59 -34.30
N ASN B 263 57.73 10.73 -35.43
CA ASN B 263 58.06 12.04 -35.97
C ASN B 263 57.48 12.29 -37.35
N ASP B 264 56.77 11.33 -37.92
CA ASP B 264 56.27 11.43 -39.29
C ASP B 264 54.75 11.58 -39.36
N ALA B 265 54.12 12.04 -38.28
CA ALA B 265 52.66 12.14 -38.21
C ALA B 265 52.24 13.59 -38.37
N ASP B 266 51.47 13.87 -39.42
CA ASP B 266 50.88 15.19 -39.61
C ASP B 266 49.46 15.22 -39.04
N SER B 267 49.00 16.43 -38.72
CA SER B 267 47.73 16.56 -38.01
C SER B 267 46.54 16.15 -38.86
N THR B 268 46.61 16.39 -40.18
CA THR B 268 45.45 16.12 -41.04
C THR B 268 45.14 14.63 -41.08
N SER B 269 46.14 13.79 -41.37
CA SER B 269 45.90 12.36 -41.46
C SER B 269 45.52 11.77 -40.10
N VAL B 270 46.09 12.29 -39.03
CA VAL B 270 45.72 11.82 -37.70
C VAL B 270 44.26 12.17 -37.42
N GLU B 271 43.87 13.41 -37.68
CA GLU B 271 42.48 13.80 -37.54
C GLU B 271 41.58 13.03 -38.50
N ALA B 272 42.12 12.64 -39.66
CA ALA B 272 41.35 11.84 -40.60
C ALA B 272 41.11 10.43 -40.05
N MET B 273 42.13 9.85 -39.41
CA MET B 273 41.96 8.52 -38.82
C MET B 273 41.09 8.56 -37.57
N TYR B 274 41.18 9.65 -36.80
CA TYR B 274 40.32 9.77 -35.63
C TYR B 274 38.86 9.87 -36.02
N SER B 275 38.56 10.55 -37.13
CA SER B 275 37.17 10.65 -37.57
C SER B 275 36.61 9.29 -37.95
N VAL B 276 37.43 8.45 -38.58
CA VAL B 276 37.00 7.08 -38.87
C VAL B 276 36.79 6.31 -37.57
N ALA B 277 37.68 6.51 -36.60
CA ALA B 277 37.51 5.87 -35.29
C ALA B 277 36.23 6.35 -34.62
N SER B 278 35.99 7.66 -34.64
CA SER B 278 34.80 8.21 -34.01
C SER B 278 33.53 7.63 -34.64
N GLN B 279 33.48 7.55 -35.97
CA GLN B 279 32.33 6.96 -36.64
C GLN B 279 32.16 5.49 -36.26
N CYS B 280 33.28 4.76 -36.16
CA CYS B 280 33.21 3.36 -35.78
C CYS B 280 32.70 3.19 -34.36
N LEU B 281 32.99 4.15 -33.48
CA LEU B 281 32.65 4.06 -32.07
C LEU B 281 31.28 4.65 -31.76
N HIS B 282 30.40 4.73 -32.75
CA HIS B 282 29.03 5.15 -32.49
C HIS B 282 28.31 4.09 -31.67
N GLU B 283 27.61 4.55 -30.62
CA GLU B 283 26.94 3.63 -29.70
C GLU B 283 25.74 2.95 -30.37
N LYS B 284 25.03 3.66 -31.25
CA LYS B 284 23.96 3.06 -32.03
C LYS B 284 24.58 2.28 -33.19
N LYS B 285 24.46 0.96 -33.14
CA LYS B 285 25.13 0.10 -34.11
C LYS B 285 24.72 0.42 -35.54
N ASN B 286 23.45 0.79 -35.76
CA ASN B 286 22.99 1.06 -37.11
C ASN B 286 23.53 2.37 -37.68
N LYS B 287 24.16 3.21 -36.86
CA LYS B 287 24.79 4.43 -37.34
C LYS B 287 26.28 4.26 -37.62
N ARG B 288 26.88 3.12 -37.27
CA ARG B 288 28.28 2.90 -37.59
C ARG B 288 28.44 2.56 -39.07
N PRO B 289 29.53 3.01 -39.69
CA PRO B 289 29.76 2.66 -41.10
C PRO B 289 30.05 1.19 -41.26
N ASP B 290 29.71 0.66 -42.44
CA ASP B 290 30.10 -0.70 -42.77
C ASP B 290 31.59 -0.73 -43.12
N ILE B 291 32.14 -1.95 -43.18
CA ILE B 291 33.57 -2.10 -43.38
C ILE B 291 34.00 -1.53 -44.73
N LYS B 292 33.11 -1.54 -45.72
CA LYS B 292 33.47 -0.99 -47.02
C LYS B 292 33.67 0.52 -46.95
N LYS B 293 32.86 1.21 -46.14
CA LYS B 293 33.06 2.64 -45.95
C LYS B 293 34.32 2.93 -45.14
N VAL B 294 34.58 2.11 -44.12
CA VAL B 294 35.81 2.28 -43.33
C VAL B 294 37.03 2.09 -44.22
N GLN B 295 36.97 1.14 -45.15
CA GLN B 295 38.05 0.95 -46.10
C GLN B 295 38.28 2.19 -46.94
N GLN B 296 37.19 2.77 -47.46
CA GLN B 296 37.33 3.91 -48.35
C GLN B 296 37.84 5.14 -47.61
N LEU B 297 37.34 5.39 -46.40
CA LEU B 297 37.78 6.55 -45.64
C LEU B 297 39.26 6.44 -45.28
N LEU B 298 39.72 5.22 -44.96
CA LEU B 298 41.14 5.03 -44.67
C LEU B 298 41.98 5.15 -45.93
N GLN B 299 41.44 4.75 -47.09
CA GLN B 299 42.18 4.89 -48.33
C GLN B 299 42.34 6.35 -48.71
N GLU B 300 41.29 7.16 -48.52
CA GLU B 300 41.38 8.59 -48.79
C GLU B 300 42.23 9.31 -47.76
N MET B 301 42.58 8.66 -46.66
CA MET B 301 43.45 9.30 -45.66
C MET B 301 44.86 9.46 -46.18
N THR B 302 45.37 8.46 -46.91
CA THR B 302 46.74 8.52 -47.44
C THR B 302 46.80 9.14 -48.83
N ALA B 303 45.86 8.79 -49.70
CA ALA B 303 45.83 9.34 -51.05
C ALA B 303 45.30 10.77 -51.03
N ARG C 8 1.85 15.87 -2.17
CA ARG C 8 0.89 15.04 -1.46
C ARG C 8 -0.46 15.03 -2.17
N PHE C 9 -1.37 15.89 -1.72
CA PHE C 9 -2.69 16.01 -2.32
C PHE C 9 -2.73 17.20 -3.27
N HIS C 10 -3.57 17.09 -4.29
CA HIS C 10 -3.73 18.15 -5.27
C HIS C 10 -4.88 19.07 -4.87
N SER C 11 -4.79 20.32 -5.28
CA SER C 11 -5.80 21.33 -4.96
C SER C 11 -6.58 21.64 -6.24
N PHE C 12 -7.71 20.97 -6.41
CA PHE C 12 -8.62 21.31 -7.50
C PHE C 12 -9.40 22.58 -7.15
N SER C 13 -10.02 23.16 -8.18
CA SER C 13 -10.92 24.28 -8.00
C SER C 13 -12.35 23.82 -8.31
N PHE C 14 -13.30 24.74 -8.12
CA PHE C 14 -14.70 24.36 -8.31
C PHE C 14 -15.04 24.13 -9.77
N TYR C 15 -14.53 24.98 -10.67
CA TYR C 15 -14.95 24.93 -12.07
C TYR C 15 -14.61 23.59 -12.70
N GLU C 16 -13.45 23.03 -12.34
CA GLU C 16 -13.01 21.79 -12.98
C GLU C 16 -13.83 20.61 -12.50
N LEU C 17 -14.01 20.49 -11.18
CA LEU C 17 -14.88 19.45 -10.64
C LEU C 17 -16.31 19.64 -11.14
N LYS C 18 -16.74 20.88 -11.31
CA LYS C 18 -18.06 21.16 -11.84
C LYS C 18 -18.20 20.67 -13.27
N ASN C 19 -17.16 20.88 -14.09
CA ASN C 19 -17.28 20.60 -15.52
C ASN C 19 -17.11 19.12 -15.83
N VAL C 20 -16.39 18.36 -15.00
CA VAL C 20 -16.30 16.91 -15.20
C VAL C 20 -17.46 16.17 -14.57
N THR C 21 -18.23 16.82 -13.70
CA THR C 21 -19.42 16.23 -13.11
C THR C 21 -20.69 16.74 -13.78
N ASN C 22 -20.57 17.35 -14.95
CA ASN C 22 -21.70 17.96 -15.66
C ASN C 22 -22.43 18.96 -14.74
N ASN C 23 -21.65 19.89 -14.19
CA ASN C 23 -22.16 20.88 -13.23
C ASN C 23 -22.84 20.19 -12.06
N PHE C 24 -22.23 19.11 -11.58
CA PHE C 24 -22.74 18.31 -10.46
C PHE C 24 -24.19 17.90 -10.70
N ASP C 25 -24.39 17.19 -11.80
CA ASP C 25 -25.69 16.66 -12.16
C ASP C 25 -26.20 15.73 -11.06
N GLU C 26 -27.10 16.24 -10.21
CA GLU C 26 -27.57 15.46 -9.07
C GLU C 26 -28.47 14.30 -9.47
N ARG C 27 -28.89 14.22 -10.73
CA ARG C 27 -29.65 13.07 -11.19
C ARG C 27 -28.78 11.81 -11.10
N PRO C 28 -29.34 10.70 -10.64
CA PRO C 28 -28.57 9.44 -10.61
C PRO C 28 -28.06 9.08 -12.00
N ILE C 29 -27.03 8.22 -12.02
CA ILE C 29 -26.40 7.81 -13.27
C ILE C 29 -27.42 7.18 -14.20
N SER C 30 -28.39 6.45 -13.64
CA SER C 30 -29.40 5.78 -14.46
C SER C 30 -30.31 6.79 -15.16
N VAL C 31 -30.51 7.98 -14.57
CA VAL C 31 -31.31 9.02 -15.21
C VAL C 31 -30.51 9.85 -16.20
N GLY C 32 -29.21 9.62 -16.29
CA GLY C 32 -28.35 10.40 -17.16
C GLY C 32 -27.52 11.45 -16.46
N GLY C 33 -27.31 11.31 -15.15
CA GLY C 33 -26.51 12.23 -14.39
C GLY C 33 -25.21 11.61 -13.90
N ASN C 34 -24.65 12.22 -12.85
CA ASN C 34 -23.37 11.79 -12.32
C ASN C 34 -23.44 11.31 -10.87
N LYS C 35 -24.59 11.45 -10.21
CA LYS C 35 -24.69 11.07 -8.80
C LYS C 35 -24.64 9.55 -8.65
N MET C 36 -23.63 9.06 -7.94
CA MET C 36 -23.51 7.63 -7.66
C MET C 36 -24.10 7.23 -6.32
N GLY C 37 -24.34 8.18 -5.42
CA GLY C 37 -24.87 7.85 -4.12
C GLY C 37 -24.74 9.05 -3.19
N GLU C 38 -25.08 8.82 -1.93
CA GLU C 38 -25.03 9.88 -0.94
C GLU C 38 -24.78 9.29 0.44
N GLY C 39 -24.35 10.15 1.35
CA GLY C 39 -24.10 9.74 2.73
C GLY C 39 -24.71 10.73 3.70
N GLY C 40 -24.27 10.69 4.96
CA GLY C 40 -24.82 11.60 5.94
C GLY C 40 -24.39 13.04 5.77
N PHE C 41 -23.27 13.28 5.07
CA PHE C 41 -22.73 14.62 4.98
C PHE C 41 -22.29 15.01 3.57
N GLY C 42 -22.66 14.26 2.54
CA GLY C 42 -22.24 14.63 1.20
C GLY C 42 -22.90 13.77 0.15
N VAL C 43 -22.73 14.21 -1.10
CA VAL C 43 -23.23 13.50 -2.28
C VAL C 43 -22.02 13.15 -3.15
N VAL C 44 -22.01 11.93 -3.67
CA VAL C 44 -20.88 11.42 -4.44
C VAL C 44 -21.23 11.50 -5.92
N TYR C 45 -20.36 12.16 -6.70
CA TYR C 45 -20.55 12.32 -8.14
C TYR C 45 -19.43 11.62 -8.89
N LYS C 46 -19.77 11.13 -10.08
CA LYS C 46 -18.78 10.50 -10.96
C LYS C 46 -18.13 11.58 -11.83
N GLY C 47 -16.81 11.44 -12.03
CA GLY C 47 -16.07 12.41 -12.81
C GLY C 47 -14.84 11.83 -13.45
N TYR C 48 -14.21 12.64 -14.30
CA TYR C 48 -12.99 12.26 -15.00
C TYR C 48 -12.02 13.43 -14.96
N VAL C 49 -10.90 13.27 -14.27
CA VAL C 49 -9.78 14.19 -14.36
C VAL C 49 -8.69 13.52 -15.17
N ASN C 50 -8.19 14.23 -16.19
CA ASN C 50 -7.36 13.61 -17.22
C ASN C 50 -8.07 12.39 -17.78
N ASN C 51 -7.43 11.23 -17.73
CA ASN C 51 -8.06 9.98 -18.13
C ASN C 51 -8.39 9.11 -16.93
N THR C 52 -8.32 9.65 -15.71
CA THR C 52 -8.63 8.92 -14.50
C THR C 52 -10.09 9.15 -14.12
N THR C 53 -10.83 8.07 -13.90
CA THR C 53 -12.18 8.16 -13.38
C THR C 53 -12.11 8.41 -11.87
N VAL C 54 -12.92 9.35 -11.38
CA VAL C 54 -12.87 9.72 -9.97
C VAL C 54 -14.26 9.82 -9.40
N ALA C 55 -14.34 9.65 -8.08
CA ALA C 55 -15.52 9.95 -7.31
C ALA C 55 -15.31 11.29 -6.60
N VAL C 56 -16.28 12.19 -6.71
CA VAL C 56 -16.21 13.51 -6.11
C VAL C 56 -17.33 13.61 -5.07
N LYS C 57 -16.95 13.79 -3.82
CA LYS C 57 -17.90 13.96 -2.72
C LYS C 57 -18.00 15.45 -2.40
N LYS C 58 -19.18 16.02 -2.65
CA LYS C 58 -19.47 17.41 -2.32
C LYS C 58 -20.21 17.44 -0.99
N LEU C 59 -19.59 18.01 0.04
CA LEU C 59 -20.18 18.03 1.37
C LEU C 59 -21.36 18.99 1.43
N ALA C 60 -22.32 18.65 2.28
CA ALA C 60 -23.50 19.49 2.51
C ALA C 60 -24.19 19.11 3.81
N ILE C 65 -26.15 19.72 11.82
CA ILE C 65 -24.77 19.92 11.39
C ILE C 65 -24.59 21.34 10.84
N THR C 66 -23.72 22.11 11.49
CA THR C 66 -23.53 23.51 11.13
C THR C 66 -22.52 23.64 9.99
N THR C 67 -22.31 24.88 9.55
CA THR C 67 -21.40 25.14 8.44
C THR C 67 -19.93 25.03 8.87
N GLU C 68 -19.63 25.21 10.16
CA GLU C 68 -18.26 25.07 10.65
C GLU C 68 -17.90 23.60 10.86
N GLU C 69 -18.70 22.88 11.65
CA GLU C 69 -18.40 21.48 11.95
C GLU C 69 -18.25 20.65 10.68
N LEU C 70 -18.92 21.05 9.60
CA LEU C 70 -18.69 20.40 8.31
C LEU C 70 -17.27 20.64 7.82
N LYS C 71 -16.78 21.88 7.98
CA LYS C 71 -15.42 22.20 7.57
C LYS C 71 -14.40 21.43 8.40
N GLN C 72 -14.68 21.21 9.69
CA GLN C 72 -13.74 20.48 10.53
C GLN C 72 -13.69 19.01 10.13
N GLN C 73 -14.82 18.43 9.74
CA GLN C 73 -14.81 17.08 9.18
C GLN C 73 -14.04 17.06 7.86
N PHE C 74 -14.16 18.12 7.07
CA PHE C 74 -13.37 18.25 5.84
C PHE C 74 -11.88 18.21 6.14
N ASP C 75 -11.44 19.02 7.11
CA ASP C 75 -10.03 19.00 7.49
C ASP C 75 -9.65 17.65 8.08
N GLN C 76 -10.55 17.04 8.85
CA GLN C 76 -10.22 15.78 9.51
C GLN C 76 -10.01 14.65 8.49
N GLU C 77 -10.87 14.58 7.47
CA GLU C 77 -10.68 13.56 6.44
C GLU C 77 -9.35 13.74 5.73
N ILE C 78 -9.02 14.98 5.36
CA ILE C 78 -7.74 15.26 4.72
C ILE C 78 -6.59 14.94 5.69
N LYS C 79 -6.74 15.33 6.95
CA LYS C 79 -5.71 15.04 7.95
C LYS C 79 -5.50 13.53 8.11
N VAL C 80 -6.59 12.76 8.09
CA VAL C 80 -6.49 11.32 8.28
C VAL C 80 -5.96 10.64 7.02
N MET C 81 -6.45 11.04 5.84
CA MET C 81 -6.00 10.40 4.61
C MET C 81 -4.50 10.60 4.40
N ALA C 82 -3.96 11.75 4.80
CA ALA C 82 -2.55 12.00 4.63
C ALA C 82 -1.69 11.04 5.44
N LYS C 83 -2.18 10.62 6.61
CA LYS C 83 -1.42 9.73 7.47
C LYS C 83 -1.66 8.26 7.17
N CYS C 84 -2.82 7.92 6.59
CA CYS C 84 -3.25 6.53 6.43
C CYS C 84 -3.38 6.20 4.94
N GLN C 85 -2.36 5.54 4.39
CA GLN C 85 -2.41 4.99 3.04
C GLN C 85 -2.25 3.48 3.14
N HIS C 86 -3.21 2.74 2.60
CA HIS C 86 -3.24 1.29 2.75
C HIS C 86 -4.07 0.70 1.61
N GLU C 87 -3.78 -0.56 1.29
CA GLU C 87 -4.48 -1.23 0.19
C GLU C 87 -5.98 -1.33 0.46
N ASN C 88 -6.37 -1.45 1.72
CA ASN C 88 -7.78 -1.61 2.09
C ASN C 88 -8.42 -0.32 2.57
N LEU C 89 -7.91 0.82 2.12
CA LEU C 89 -8.53 2.11 2.35
C LEU C 89 -8.66 2.84 1.03
N VAL C 90 -9.73 3.63 0.90
CA VAL C 90 -9.87 4.46 -0.29
C VAL C 90 -8.70 5.43 -0.36
N GLU C 91 -8.39 5.87 -1.57
CA GLU C 91 -7.29 6.81 -1.78
C GLU C 91 -7.85 8.17 -2.15
N LEU C 92 -7.43 9.19 -1.41
CA LEU C 92 -7.79 10.56 -1.68
C LEU C 92 -6.78 11.16 -2.65
N LEU C 93 -7.27 11.75 -3.73
CA LEU C 93 -6.39 12.37 -4.71
C LEU C 93 -6.23 13.87 -4.48
N GLY C 94 -7.27 14.52 -4.00
CA GLY C 94 -7.22 15.95 -3.79
C GLY C 94 -8.53 16.46 -3.21
N PHE C 95 -8.64 17.79 -3.19
CA PHE C 95 -9.79 18.45 -2.57
C PHE C 95 -10.03 19.77 -3.29
N SER C 96 -11.06 20.49 -2.84
CA SER C 96 -11.40 21.80 -3.40
C SER C 96 -12.09 22.59 -2.30
N SER C 97 -11.40 23.60 -1.77
CA SER C 97 -11.91 24.40 -0.67
C SER C 97 -12.29 25.82 -1.10
N ASP C 98 -12.60 26.02 -2.37
CA ASP C 98 -12.97 27.34 -2.88
C ASP C 98 -14.24 27.85 -2.22
N ASP C 101 -19.12 25.01 -2.38
CA ASP C 101 -19.03 24.09 -1.24
C ASP C 101 -17.63 23.49 -1.12
N LEU C 102 -17.52 22.36 -0.44
CA LEU C 102 -16.26 21.67 -0.22
C LEU C 102 -16.31 20.31 -0.90
N CYS C 103 -15.21 19.92 -1.54
CA CYS C 103 -15.17 18.69 -2.32
C CYS C 103 -13.94 17.86 -1.97
N LEU C 104 -14.10 16.54 -2.04
CA LEU C 104 -13.02 15.59 -1.86
C LEU C 104 -13.02 14.64 -3.04
N VAL C 105 -11.87 14.50 -3.70
CA VAL C 105 -11.75 13.71 -4.92
C VAL C 105 -11.00 12.43 -4.59
N TYR C 106 -11.63 11.28 -4.87
CA TYR C 106 -11.04 9.98 -4.64
C TYR C 106 -10.91 9.23 -5.96
N VAL C 107 -10.17 8.12 -5.92
CA VAL C 107 -10.12 7.21 -7.06
C VAL C 107 -11.43 6.44 -7.14
N TYR C 108 -11.97 6.35 -8.35
CA TYR C 108 -13.25 5.68 -8.59
C TYR C 108 -13.18 4.20 -8.20
N MET C 109 -14.22 3.72 -7.54
CA MET C 109 -14.32 2.31 -7.18
C MET C 109 -15.30 1.63 -8.10
N PRO C 110 -14.84 0.75 -9.02
CA PRO C 110 -15.74 0.22 -10.06
C PRO C 110 -16.90 -0.61 -9.53
N ASN C 111 -16.84 -1.12 -8.31
CA ASN C 111 -17.92 -1.97 -7.79
C ASN C 111 -18.67 -1.32 -6.65
N GLY C 112 -18.43 -0.04 -6.37
CA GLY C 112 -19.24 0.69 -5.42
C GLY C 112 -19.18 0.13 -4.01
N SER C 113 -20.30 0.20 -3.31
CA SER C 113 -20.38 -0.15 -1.91
C SER C 113 -20.76 -1.61 -1.73
N LEU C 114 -20.28 -2.20 -0.62
CA LEU C 114 -20.67 -3.55 -0.28
C LEU C 114 -22.17 -3.65 -0.03
N LEU C 115 -22.76 -2.59 0.54
CA LEU C 115 -24.21 -2.57 0.73
C LEU C 115 -24.95 -2.72 -0.59
N ASP C 116 -24.56 -1.94 -1.59
CA ASP C 116 -25.24 -1.99 -2.88
C ASP C 116 -25.01 -3.32 -3.59
N ARG C 117 -23.85 -3.95 -3.37
CA ARG C 117 -23.59 -5.24 -3.99
C ARG C 117 -24.28 -6.37 -3.26
N LEU C 118 -24.38 -6.29 -1.93
CA LEU C 118 -25.12 -7.30 -1.19
C LEU C 118 -26.60 -7.30 -1.54
N SER C 119 -27.13 -6.18 -2.04
CA SER C 119 -28.52 -6.12 -2.50
C SER C 119 -28.65 -6.22 -4.00
N CYS C 120 -27.55 -6.45 -4.72
CA CYS C 120 -27.56 -6.58 -6.17
C CYS C 120 -28.19 -5.38 -6.85
N LEU C 121 -27.92 -4.20 -6.31
CA LEU C 121 -28.48 -2.96 -6.86
C LEU C 121 -28.01 -2.74 -8.28
N ASP C 122 -28.93 -2.27 -9.14
CA ASP C 122 -28.65 -1.95 -10.53
C ASP C 122 -28.25 -3.19 -11.32
N GLY C 123 -28.67 -4.36 -10.88
CA GLY C 123 -28.52 -5.57 -11.66
C GLY C 123 -27.20 -6.28 -11.54
N THR C 124 -26.34 -5.89 -10.59
CA THR C 124 -25.07 -6.58 -10.43
C THR C 124 -25.30 -7.99 -9.88
N PRO C 125 -24.44 -8.95 -10.24
CA PRO C 125 -24.64 -10.34 -9.80
C PRO C 125 -24.39 -10.47 -8.31
N PRO C 126 -24.98 -11.47 -7.67
CA PRO C 126 -24.76 -11.67 -6.23
C PRO C 126 -23.31 -12.04 -5.94
N LEU C 127 -22.86 -11.66 -4.75
CA LEU C 127 -21.50 -11.97 -4.32
C LEU C 127 -21.43 -13.42 -3.85
N SER C 128 -20.45 -14.16 -4.40
CA SER C 128 -20.21 -15.51 -3.94
C SER C 128 -19.70 -15.52 -2.50
N TRP C 129 -19.79 -16.69 -1.87
CA TRP C 129 -19.29 -16.81 -0.51
C TRP C 129 -17.79 -16.62 -0.44
N HIS C 130 -17.05 -17.08 -1.46
CA HIS C 130 -15.60 -16.92 -1.46
C HIS C 130 -15.21 -15.46 -1.53
N MET C 131 -15.91 -14.67 -2.36
CA MET C 131 -15.64 -13.25 -2.43
C MET C 131 -16.03 -12.54 -1.13
N ARG C 132 -17.11 -12.99 -0.48
CA ARG C 132 -17.52 -12.36 0.77
C ARG C 132 -16.51 -12.61 1.87
N CYS C 133 -15.95 -13.82 1.93
CA CYS C 133 -14.88 -14.09 2.88
C CYS C 133 -13.67 -13.19 2.61
N LYS C 134 -13.30 -13.03 1.34
CA LYS C 134 -12.20 -12.14 1.00
C LYS C 134 -12.52 -10.69 1.36
N ILE C 135 -13.78 -10.28 1.16
CA ILE C 135 -14.17 -8.91 1.48
C ILE C 135 -14.11 -8.67 2.98
N ALA C 136 -14.52 -9.66 3.77
CA ALA C 136 -14.46 -9.51 5.23
C ALA C 136 -13.01 -9.46 5.71
N GLN C 137 -12.14 -10.27 5.12
CA GLN C 137 -10.74 -10.26 5.52
C GLN C 137 -10.08 -8.93 5.17
N GLY C 138 -10.38 -8.39 3.98
CA GLY C 138 -9.78 -7.13 3.59
C GLY C 138 -10.21 -5.97 4.46
N ALA C 139 -11.52 -5.88 4.76
CA ALA C 139 -12.02 -4.80 5.59
C ALA C 139 -11.46 -4.85 7.00
N ALA C 140 -11.24 -6.05 7.53
CA ALA C 140 -10.59 -6.19 8.83
C ALA C 140 -9.15 -5.68 8.77
N ASN C 141 -8.47 -5.91 7.65
CA ASN C 141 -7.09 -5.45 7.49
C ASN C 141 -7.03 -3.92 7.48
N GLY C 142 -8.01 -3.28 6.84
CA GLY C 142 -8.07 -1.82 6.87
C GLY C 142 -8.33 -1.29 8.26
N ILE C 143 -9.31 -1.87 8.96
CA ILE C 143 -9.60 -1.46 10.33
C ILE C 143 -8.37 -1.70 11.21
N ASN C 144 -7.67 -2.81 10.99
CA ASN C 144 -6.46 -3.10 11.76
C ASN C 144 -5.41 -2.02 11.53
N PHE C 145 -5.25 -1.57 10.28
CA PHE C 145 -4.32 -0.49 10.00
C PHE C 145 -4.74 0.80 10.69
N LEU C 146 -6.04 1.12 10.65
CA LEU C 146 -6.53 2.34 11.29
C LEU C 146 -6.31 2.29 12.80
N HIS C 147 -6.57 1.13 13.42
CA HIS C 147 -6.37 1.02 14.86
C HIS C 147 -4.90 0.97 15.24
N GLU C 148 -4.06 0.41 14.36
CA GLU C 148 -2.62 0.41 14.62
C GLU C 148 -2.05 1.82 14.60
N ASN C 149 -2.66 2.72 13.83
CA ASN C 149 -2.26 4.12 13.78
C ASN C 149 -3.10 4.99 14.71
N HIS C 150 -3.74 4.38 15.71
CA HIS C 150 -4.46 5.11 16.76
C HIS C 150 -5.57 5.99 16.18
N HIS C 151 -6.32 5.42 15.24
CA HIS C 151 -7.46 6.11 14.63
C HIS C 151 -8.73 5.31 14.88
N ILE C 152 -9.81 6.02 15.20
CA ILE C 152 -11.14 5.43 15.33
C ILE C 152 -11.99 5.93 14.17
N HIS C 153 -12.70 5.02 13.50
CA HIS C 153 -13.47 5.41 12.32
C HIS C 153 -14.79 6.07 12.71
N ARG C 154 -15.57 5.41 13.56
CA ARG C 154 -16.84 5.86 14.16
C ARG C 154 -18.04 5.76 13.23
N ASP C 155 -17.90 5.21 12.02
CA ASP C 155 -19.06 4.96 11.16
C ASP C 155 -18.77 3.77 10.24
N ILE C 156 -18.29 2.67 10.83
CA ILE C 156 -18.10 1.44 10.08
C ILE C 156 -19.47 0.90 9.68
N LYS C 157 -19.72 0.83 8.38
CA LYS C 157 -20.95 0.27 7.86
C LYS C 157 -20.69 -0.19 6.43
N SER C 158 -21.62 -0.99 5.90
CA SER C 158 -21.41 -1.59 4.58
C SER C 158 -21.47 -0.55 3.47
N ALA C 159 -22.15 0.57 3.71
CA ALA C 159 -22.12 1.65 2.72
C ALA C 159 -20.75 2.35 2.69
N ASN C 160 -19.95 2.19 3.74
CA ASN C 160 -18.62 2.76 3.79
C ASN C 160 -17.52 1.72 3.54
N ILE C 161 -17.88 0.55 3.05
CA ILE C 161 -16.91 -0.45 2.59
C ILE C 161 -17.07 -0.55 1.07
N LEU C 162 -16.12 0.02 0.34
CA LEU C 162 -16.20 0.08 -1.10
C LEU C 162 -15.35 -1.03 -1.73
N LEU C 163 -15.64 -1.31 -3.00
CA LEU C 163 -15.06 -2.46 -3.68
C LEU C 163 -14.50 -2.03 -5.03
N ASP C 164 -13.24 -2.36 -5.28
CA ASP C 164 -12.61 -2.02 -6.54
C ASP C 164 -12.98 -3.09 -7.58
N GLU C 165 -12.33 -3.05 -8.75
CA GLU C 165 -12.65 -3.97 -9.83
C GLU C 165 -12.33 -5.42 -9.49
N ALA C 166 -11.41 -5.66 -8.56
CA ALA C 166 -11.13 -7.00 -8.08
C ALA C 166 -11.88 -7.34 -6.80
N PHE C 167 -12.86 -6.52 -6.41
CA PHE C 167 -13.64 -6.72 -5.21
C PHE C 167 -12.77 -6.68 -3.95
N THR C 168 -11.65 -5.98 -4.03
CA THR C 168 -10.88 -5.65 -2.84
C THR C 168 -11.63 -4.61 -2.02
N ALA C 169 -11.75 -4.85 -0.72
CA ALA C 169 -12.53 -3.99 0.15
C ALA C 169 -11.69 -2.79 0.60
N LYS C 170 -12.34 -1.62 0.66
CA LYS C 170 -11.67 -0.39 1.08
C LYS C 170 -12.60 0.42 1.97
N ILE C 171 -12.10 0.79 3.16
CA ILE C 171 -12.87 1.65 4.05
C ILE C 171 -12.85 3.08 3.54
N SER C 172 -13.99 3.77 3.63
CA SER C 172 -14.11 5.13 3.13
C SER C 172 -14.78 6.03 4.17
N ASP C 173 -14.90 7.31 3.81
CA ASP C 173 -15.54 8.34 4.61
C ASP C 173 -14.92 8.45 5.99
N PHE C 174 -13.82 9.18 6.09
CA PHE C 174 -13.09 9.38 7.34
C PHE C 174 -13.37 10.75 7.96
N GLY C 175 -14.47 11.40 7.58
CA GLY C 175 -14.79 12.71 8.12
C GLY C 175 -15.11 12.72 9.59
N LEU C 176 -15.49 11.57 10.15
CA LEU C 176 -15.77 11.43 11.57
C LEU C 176 -14.63 10.81 12.36
N ALA C 177 -13.49 10.56 11.72
CA ALA C 177 -12.40 9.85 12.37
C ALA C 177 -11.82 10.67 13.52
N ARG C 178 -11.34 9.96 14.54
CA ARG C 178 -10.74 10.59 15.71
C ARG C 178 -9.51 9.80 16.13
N ALA C 179 -8.67 10.45 16.93
CA ALA C 179 -7.49 9.80 17.46
C ALA C 179 -7.82 9.01 18.73
N SER C 180 -7.07 7.95 18.97
CA SER C 180 -7.30 7.09 20.13
C SER C 180 -6.57 7.64 21.35
N VAL C 187 -13.06 8.33 25.71
CA VAL C 187 -13.54 9.69 25.93
C VAL C 187 -15.01 9.86 25.54
N MET C 188 -15.53 11.07 25.74
CA MET C 188 -16.92 11.39 25.42
C MET C 188 -17.04 12.65 24.57
N ARG C 191 -21.58 15.88 20.44
CA ARG C 191 -22.28 15.61 19.18
C ARG C 191 -22.20 14.13 18.80
N ILE C 192 -23.28 13.40 19.09
CA ILE C 192 -23.36 12.00 18.72
C ILE C 192 -23.63 11.90 17.23
N VAL C 193 -22.81 11.10 16.54
CA VAL C 193 -22.89 10.98 15.08
C VAL C 193 -22.68 9.54 14.69
N GLY C 194 -23.26 9.16 13.55
CA GLY C 194 -23.16 7.80 13.05
C GLY C 194 -24.48 7.25 12.54
N THR C 195 -24.47 6.00 12.09
CA THR C 195 -25.66 5.32 11.59
C THR C 195 -26.15 4.38 12.68
N THR C 196 -27.33 4.70 13.26
CA THR C 196 -27.77 4.03 14.48
C THR C 196 -27.88 2.52 14.35
N ALA C 197 -28.25 2.03 13.16
CA ALA C 197 -28.42 0.59 12.97
C ALA C 197 -27.11 -0.19 13.10
N TYR C 198 -25.97 0.49 13.07
CA TYR C 198 -24.66 -0.17 13.19
C TYR C 198 -23.95 0.15 14.49
N MET C 199 -24.39 1.17 15.23
CA MET C 199 -23.62 1.70 16.33
C MET C 199 -23.73 0.83 17.58
N ALA C 200 -22.62 0.72 18.30
CA ALA C 200 -22.60 0.04 19.58
C ALA C 200 -23.36 0.85 20.62
N PRO C 201 -23.84 0.21 21.69
CA PRO C 201 -24.60 0.95 22.72
C PRO C 201 -23.82 2.09 23.33
N GLU C 202 -22.54 1.89 23.64
CA GLU C 202 -21.75 2.98 24.21
C GLU C 202 -21.57 4.13 23.22
N ALA C 203 -21.51 3.82 21.92
CA ALA C 203 -21.39 4.89 20.92
C ALA C 203 -22.66 5.72 20.85
N LEU C 204 -23.82 5.08 21.00
CA LEU C 204 -25.08 5.82 20.98
C LEU C 204 -25.20 6.80 22.14
N ARG C 205 -24.41 6.62 23.19
CA ARG C 205 -24.44 7.48 24.36
C ARG C 205 -23.37 8.57 24.35
N GLY C 206 -22.55 8.63 23.31
CA GLY C 206 -21.51 9.63 23.19
C GLY C 206 -20.11 9.15 23.45
N GLU C 207 -19.92 7.85 23.70
CA GLU C 207 -18.58 7.33 23.92
C GLU C 207 -17.84 7.15 22.59
N ILE C 208 -16.55 7.47 22.60
CA ILE C 208 -15.66 7.30 21.46
C ILE C 208 -14.60 6.29 21.87
N THR C 209 -14.60 5.12 21.24
CA THR C 209 -13.66 4.08 21.61
C THR C 209 -13.48 3.14 20.42
N PRO C 210 -12.29 2.58 20.22
CA PRO C 210 -12.09 1.64 19.09
C PRO C 210 -12.90 0.36 19.23
N LYS C 211 -13.37 0.02 20.43
CA LYS C 211 -14.24 -1.15 20.56
C LYS C 211 -15.58 -0.93 19.85
N SER C 212 -16.00 0.32 19.72
CA SER C 212 -17.22 0.62 18.97
C SER C 212 -17.08 0.23 17.50
N ASP C 213 -15.89 0.41 16.93
CA ASP C 213 -15.65 0.01 15.54
C ASP C 213 -15.79 -1.50 15.38
N ILE C 214 -15.35 -2.26 16.38
CA ILE C 214 -15.44 -3.72 16.33
C ILE C 214 -16.90 -4.15 16.30
N TYR C 215 -17.74 -3.53 17.14
CA TYR C 215 -19.16 -3.86 17.18
C TYR C 215 -19.81 -3.61 15.83
N SER C 216 -19.52 -2.45 15.23
CA SER C 216 -20.09 -2.13 13.92
C SER C 216 -19.61 -3.10 12.85
N PHE C 217 -18.37 -3.61 12.97
CA PHE C 217 -17.90 -4.62 12.03
C PHE C 217 -18.70 -5.92 12.18
N GLY C 218 -19.06 -6.28 13.41
CA GLY C 218 -19.89 -7.45 13.62
C GLY C 218 -21.24 -7.33 12.96
N VAL C 219 -21.80 -6.12 12.90
CA VAL C 219 -23.03 -5.91 12.15
C VAL C 219 -22.78 -6.12 10.66
N VAL C 220 -21.63 -5.64 10.17
CA VAL C 220 -21.27 -5.86 8.77
C VAL C 220 -21.13 -7.35 8.48
N LEU C 221 -20.52 -8.09 9.41
CA LEU C 221 -20.40 -9.54 9.22
C LEU C 221 -21.77 -10.20 9.14
N LEU C 222 -22.74 -9.71 9.92
CA LEU C 222 -24.10 -10.23 9.82
C LEU C 222 -24.70 -9.93 8.45
N GLU C 223 -24.51 -8.70 7.95
CA GLU C 223 -25.01 -8.34 6.63
C GLU C 223 -24.41 -9.25 5.55
N ILE C 224 -23.14 -9.61 5.70
CA ILE C 224 -22.48 -10.43 4.70
C ILE C 224 -23.04 -11.84 4.72
N ILE C 225 -23.24 -12.41 5.91
CA ILE C 225 -23.76 -13.78 6.00
C ILE C 225 -25.17 -13.85 5.46
N THR C 226 -26.02 -12.88 5.83
CA THR C 226 -27.45 -12.96 5.51
C THR C 226 -27.81 -12.26 4.20
N GLY C 227 -27.03 -11.29 3.75
CA GLY C 227 -27.47 -10.45 2.66
C GLY C 227 -28.61 -9.52 3.00
N LEU C 228 -28.96 -9.39 4.27
CA LEU C 228 -30.03 -8.52 4.72
C LEU C 228 -29.47 -7.18 5.19
N PRO C 229 -30.13 -6.08 4.83
CA PRO C 229 -29.68 -4.77 5.31
C PRO C 229 -29.81 -4.66 6.83
N ALA C 230 -28.95 -3.84 7.41
CA ALA C 230 -28.93 -3.68 8.87
C ALA C 230 -30.25 -3.10 9.37
N VAL C 231 -30.95 -2.34 8.54
CA VAL C 231 -32.27 -1.83 8.87
C VAL C 231 -33.16 -1.91 7.64
N ASP C 232 -34.41 -2.30 7.85
CA ASP C 232 -35.40 -2.38 6.77
C ASP C 232 -36.77 -2.17 7.40
N GLU C 233 -37.41 -1.04 7.08
CA GLU C 233 -38.66 -0.69 7.73
C GLU C 233 -39.77 -1.68 7.40
N HIS C 234 -39.73 -2.30 6.22
CA HIS C 234 -40.72 -3.28 5.82
C HIS C 234 -40.37 -4.69 6.26
N ARG C 235 -39.48 -4.84 7.24
CA ARG C 235 -39.02 -6.13 7.70
C ARG C 235 -39.42 -6.35 9.15
N GLU C 236 -39.53 -7.62 9.53
CA GLU C 236 -39.86 -8.01 10.90
C GLU C 236 -38.86 -9.07 11.36
N PRO C 237 -37.93 -8.74 12.27
CA PRO C 237 -37.71 -7.42 12.90
C PRO C 237 -36.97 -6.46 11.99
N GLN C 238 -37.06 -5.15 12.28
CA GLN C 238 -36.48 -4.15 11.39
C GLN C 238 -34.97 -4.04 11.56
N LEU C 239 -34.44 -4.39 12.73
CA LEU C 239 -33.01 -4.26 13.00
C LEU C 239 -32.35 -5.63 12.91
N LEU C 240 -31.24 -5.69 12.15
CA LEU C 240 -30.58 -6.97 11.92
C LEU C 240 -29.92 -7.51 13.18
N LEU C 241 -29.42 -6.64 14.05
CA LEU C 241 -28.81 -7.12 15.29
C LEU C 241 -29.83 -7.75 16.23
N ASP C 242 -31.12 -7.59 15.96
CA ASP C 242 -32.15 -8.24 16.77
C ASP C 242 -32.32 -9.71 16.40
N ILE C 243 -32.03 -10.09 15.15
CA ILE C 243 -32.10 -11.49 14.78
C ILE C 243 -30.97 -12.29 15.41
N LYS C 244 -29.90 -11.62 15.83
CA LYS C 244 -28.82 -12.32 16.54
C LYS C 244 -29.33 -12.92 17.85
N GLU C 245 -30.27 -12.24 18.51
CA GLU C 245 -30.82 -12.76 19.76
C GLU C 245 -31.79 -13.91 19.48
N GLU C 246 -32.54 -13.85 18.38
CA GLU C 246 -33.44 -14.93 18.03
C GLU C 246 -32.67 -16.23 17.79
N ILE C 247 -31.45 -16.13 17.25
CA ILE C 247 -30.62 -17.31 17.08
C ILE C 247 -30.05 -17.76 18.42
N GLU C 248 -29.65 -16.80 19.26
CA GLU C 248 -29.08 -17.14 20.57
C GLU C 248 -30.10 -17.84 21.45
N ASP C 249 -31.37 -17.44 21.36
CA ASP C 249 -32.44 -18.10 22.10
C ASP C 249 -32.89 -19.40 21.45
N GLU C 250 -32.23 -19.84 20.38
CA GLU C 250 -32.54 -21.06 19.65
C GLU C 250 -33.97 -21.06 19.10
N GLU C 251 -34.59 -19.89 18.97
CA GLU C 251 -35.82 -19.79 18.19
C GLU C 251 -35.54 -20.03 16.71
N LYS C 252 -34.37 -19.62 16.23
CA LYS C 252 -33.90 -19.92 14.90
C LYS C 252 -32.41 -20.26 15.01
N THR C 253 -31.76 -20.40 13.86
CA THR C 253 -30.34 -20.68 13.81
C THR C 253 -29.73 -19.97 12.61
N ILE C 254 -28.41 -19.80 12.63
CA ILE C 254 -27.73 -18.99 11.61
C ILE C 254 -27.93 -19.56 10.22
N GLU C 255 -28.24 -20.85 10.11
CA GLU C 255 -28.50 -21.44 8.79
C GLU C 255 -29.84 -20.99 8.23
N ASP C 256 -30.79 -20.67 9.10
CA ASP C 256 -32.08 -20.16 8.63
C ASP C 256 -31.92 -18.84 7.89
N TYR C 257 -30.90 -18.06 8.23
CA TYR C 257 -30.74 -16.70 7.72
C TYR C 257 -29.64 -16.57 6.69
N ILE C 258 -28.95 -17.67 6.35
CA ILE C 258 -27.88 -17.61 5.35
C ILE C 258 -28.47 -17.11 4.04
N ASP C 259 -27.78 -16.15 3.41
CA ASP C 259 -28.20 -15.64 2.11
C ASP C 259 -28.37 -16.78 1.11
N LYS C 260 -29.56 -16.86 0.51
CA LYS C 260 -29.85 -17.89 -0.47
C LYS C 260 -29.31 -17.55 -1.86
N LYS C 261 -28.79 -16.34 -2.05
CA LYS C 261 -28.24 -15.94 -3.33
C LYS C 261 -26.79 -16.43 -3.47
N MET C 262 -26.50 -17.59 -2.90
CA MET C 262 -25.18 -18.19 -2.97
C MET C 262 -25.32 -19.69 -3.17
N ASN C 263 -24.30 -20.29 -3.79
CA ASN C 263 -24.25 -21.73 -3.97
C ASN C 263 -22.89 -22.31 -3.61
N ASP C 264 -22.02 -21.53 -2.97
CA ASP C 264 -20.67 -21.98 -2.63
C ASP C 264 -20.37 -21.79 -1.14
N ALA C 265 -21.39 -21.69 -0.30
CA ALA C 265 -21.21 -21.51 1.14
C ALA C 265 -21.29 -22.86 1.83
N ASP C 266 -20.20 -23.28 2.45
CA ASP C 266 -20.22 -24.42 3.34
C ASP C 266 -20.68 -23.98 4.73
N SER C 267 -21.32 -24.90 5.45
CA SER C 267 -21.88 -24.56 6.75
C SER C 267 -20.81 -24.25 7.78
N THR C 268 -19.65 -24.90 7.69
CA THR C 268 -18.64 -24.71 8.73
C THR C 268 -18.00 -23.33 8.65
N SER C 269 -17.74 -22.82 7.45
CA SER C 269 -17.13 -21.48 7.34
C SER C 269 -18.14 -20.37 7.64
N VAL C 270 -19.43 -20.59 7.36
CA VAL C 270 -20.43 -19.59 7.69
C VAL C 270 -20.58 -19.46 9.20
N GLU C 271 -20.66 -20.60 9.89
CA GLU C 271 -20.68 -20.56 11.35
C GLU C 271 -19.40 -19.99 11.91
N ALA C 272 -18.27 -20.19 11.23
CA ALA C 272 -17.02 -19.60 11.66
C ALA C 272 -17.10 -18.08 11.65
N MET C 273 -17.62 -17.51 10.56
CA MET C 273 -17.78 -16.06 10.51
C MET C 273 -18.86 -15.58 11.46
N TYR C 274 -19.91 -16.38 11.67
CA TYR C 274 -20.93 -16.00 12.64
C TYR C 274 -20.37 -16.00 14.06
N SER C 275 -19.49 -16.97 14.36
CA SER C 275 -18.83 -16.98 15.66
C SER C 275 -18.02 -15.70 15.88
N VAL C 276 -17.32 -15.24 14.85
CA VAL C 276 -16.59 -13.99 14.94
C VAL C 276 -17.56 -12.83 15.10
N ALA C 277 -18.69 -12.88 14.39
CA ALA C 277 -19.66 -11.79 14.44
C ALA C 277 -20.25 -11.65 15.84
N SER C 278 -20.66 -12.77 16.44
CA SER C 278 -21.28 -12.72 17.76
C SER C 278 -20.29 -12.25 18.82
N GLN C 279 -19.02 -12.61 18.69
CA GLN C 279 -18.00 -12.08 19.58
C GLN C 279 -17.87 -10.58 19.43
N CYS C 280 -17.92 -10.09 18.19
CA CYS C 280 -17.87 -8.65 17.95
C CYS C 280 -19.07 -7.94 18.54
N LEU C 281 -20.23 -8.61 18.56
CA LEU C 281 -21.48 -8.00 18.98
C LEU C 281 -21.73 -8.17 20.47
N HIS C 282 -20.71 -8.53 21.24
CA HIS C 282 -20.84 -8.57 22.69
C HIS C 282 -21.17 -7.17 23.21
N GLU C 283 -22.29 -7.05 23.93
CA GLU C 283 -22.75 -5.73 24.33
C GLU C 283 -21.91 -5.11 25.42
N LYS C 284 -21.05 -5.89 26.09
CA LYS C 284 -20.04 -5.34 26.98
C LYS C 284 -18.78 -5.08 26.18
N LYS C 285 -18.38 -3.80 26.09
CA LYS C 285 -17.31 -3.41 25.19
C LYS C 285 -15.99 -4.07 25.54
N ASN C 286 -15.76 -4.37 26.82
CA ASN C 286 -14.50 -4.98 27.24
C ASN C 286 -14.40 -6.45 26.88
N LYS C 287 -15.51 -7.09 26.50
CA LYS C 287 -15.50 -8.50 26.15
C LYS C 287 -15.36 -8.73 24.64
N ARG C 288 -15.53 -7.70 23.82
CA ARG C 288 -15.31 -7.85 22.39
C ARG C 288 -13.82 -8.01 22.11
N PRO C 289 -13.46 -8.80 21.11
CA PRO C 289 -12.05 -8.95 20.75
C PRO C 289 -11.54 -7.71 20.01
N ASP C 290 -10.25 -7.46 20.14
CA ASP C 290 -9.63 -6.40 19.37
C ASP C 290 -9.53 -6.81 17.90
N ILE C 291 -9.21 -5.83 17.05
CA ILE C 291 -9.22 -6.08 15.61
C ILE C 291 -8.18 -7.13 15.22
N LYS C 292 -7.08 -7.23 15.99
CA LYS C 292 -6.06 -8.23 15.69
C LYS C 292 -6.60 -9.64 15.86
N LYS C 293 -7.41 -9.87 16.90
CA LYS C 293 -8.00 -11.19 17.10
C LYS C 293 -9.09 -11.46 16.07
N VAL C 294 -9.89 -10.44 15.75
CA VAL C 294 -10.93 -10.59 14.73
C VAL C 294 -10.31 -10.97 13.39
N GLN C 295 -9.27 -10.23 13.00
CA GLN C 295 -8.61 -10.50 11.72
C GLN C 295 -7.93 -11.87 11.72
N GLN C 296 -7.40 -12.30 12.87
CA GLN C 296 -6.81 -13.63 12.95
C GLN C 296 -7.87 -14.72 12.80
N LEU C 297 -9.04 -14.55 13.43
CA LEU C 297 -10.10 -15.55 13.32
C LEU C 297 -10.63 -15.64 11.89
N LEU C 298 -10.72 -14.51 11.20
CA LEU C 298 -11.18 -14.54 9.81
C LEU C 298 -10.17 -15.23 8.91
N GLN C 299 -8.88 -15.07 9.20
CA GLN C 299 -7.85 -15.75 8.41
C GLN C 299 -7.92 -17.27 8.61
N GLU C 300 -8.24 -17.71 9.82
CA GLU C 300 -8.31 -19.14 10.12
C GLU C 300 -9.47 -19.80 9.38
N MET C 301 -10.57 -19.08 9.17
CA MET C 301 -11.75 -19.69 8.57
C MET C 301 -11.54 -20.05 7.11
N THR C 302 -10.55 -19.47 6.44
CA THR C 302 -10.18 -19.83 5.08
C THR C 302 -8.84 -20.57 5.05
N ALA C 303 -8.66 -21.50 5.98
CA ALA C 303 -7.41 -22.25 6.08
C ALA C 303 -7.24 -23.19 4.90
N PHE D 9 -62.20 17.46 32.52
CA PHE D 9 -61.09 18.37 32.28
C PHE D 9 -61.58 19.78 31.98
N HIS D 10 -61.33 20.71 32.90
CA HIS D 10 -61.73 22.09 32.73
C HIS D 10 -61.00 22.71 31.53
N SER D 11 -61.76 23.28 30.60
CA SER D 11 -61.19 24.02 29.48
C SER D 11 -60.92 25.44 29.94
N PHE D 12 -59.65 25.76 30.16
CA PHE D 12 -59.25 27.09 30.60
C PHE D 12 -58.99 27.99 29.39
N SER D 13 -58.86 29.29 29.66
CA SER D 13 -58.48 30.26 28.66
C SER D 13 -57.06 30.73 28.95
N PHE D 14 -56.29 30.94 27.87
CA PHE D 14 -54.94 31.50 28.01
C PHE D 14 -54.99 32.83 28.75
N TYR D 15 -56.05 33.60 28.51
CA TYR D 15 -56.28 34.85 29.24
C TYR D 15 -56.31 34.61 30.75
N GLU D 16 -57.02 33.56 31.18
CA GLU D 16 -57.14 33.31 32.62
C GLU D 16 -55.84 32.77 33.19
N LEU D 17 -55.17 31.86 32.49
CA LEU D 17 -53.91 31.32 32.99
C LEU D 17 -52.79 32.36 33.02
N LYS D 18 -52.98 33.49 32.34
CA LYS D 18 -51.93 34.50 32.27
C LYS D 18 -51.83 35.29 33.57
N ASN D 19 -52.96 35.72 34.14
CA ASN D 19 -52.92 36.55 35.33
C ASN D 19 -52.80 35.76 36.62
N VAL D 20 -53.20 34.48 36.64
CA VAL D 20 -52.97 33.64 37.81
C VAL D 20 -51.52 33.18 37.92
N THR D 21 -50.68 33.55 36.95
CA THR D 21 -49.26 33.21 36.97
C THR D 21 -48.38 34.44 36.86
N ASN D 22 -48.93 35.62 37.14
CA ASN D 22 -48.21 36.88 37.06
C ASN D 22 -47.60 37.09 35.67
N ASN D 23 -48.45 36.96 34.65
CA ASN D 23 -48.05 37.13 33.25
C ASN D 23 -46.91 36.19 32.87
N PHE D 24 -46.92 34.99 33.44
CA PHE D 24 -45.91 33.96 33.17
C PHE D 24 -44.50 34.45 33.51
N ASP D 25 -44.34 34.83 34.78
CA ASP D 25 -43.07 35.30 35.30
C ASP D 25 -42.02 34.19 35.25
N GLU D 26 -41.02 34.33 34.39
CA GLU D 26 -39.99 33.32 34.24
C GLU D 26 -38.95 33.35 35.36
N ARG D 27 -39.06 34.28 36.30
CA ARG D 27 -38.15 34.28 37.44
C ARG D 27 -38.50 33.14 38.39
N PRO D 28 -37.51 32.57 39.07
CA PRO D 28 -37.77 31.46 39.99
C PRO D 28 -38.66 31.90 41.16
N ILE D 29 -39.14 30.91 41.90
CA ILE D 29 -40.01 31.17 43.04
C ILE D 29 -39.26 31.91 44.13
N SER D 30 -37.97 31.58 44.31
CA SER D 30 -37.20 32.15 45.42
C SER D 30 -37.02 33.66 45.31
N VAL D 31 -37.16 34.23 44.10
CA VAL D 31 -37.03 35.66 43.92
C VAL D 31 -38.39 36.35 43.75
N GLY D 32 -39.48 35.58 43.76
CA GLY D 32 -40.81 36.15 43.64
C GLY D 32 -41.52 35.84 42.34
N GLY D 33 -40.88 35.16 41.40
CA GLY D 33 -41.49 34.83 40.13
C GLY D 33 -42.40 33.63 40.23
N ASN D 34 -42.66 33.00 39.08
CA ASN D 34 -43.54 31.85 39.00
C ASN D 34 -42.91 30.62 38.37
N LYS D 35 -41.74 30.74 37.73
CA LYS D 35 -41.13 29.58 37.07
C LYS D 35 -40.62 28.60 38.12
N MET D 36 -41.07 27.35 38.00
CA MET D 36 -40.63 26.28 38.89
C MET D 36 -39.65 25.33 38.22
N GLY D 37 -39.50 25.40 36.91
CA GLY D 37 -38.62 24.49 36.20
C GLY D 37 -39.06 24.38 34.75
N GLU D 38 -38.33 23.54 34.02
CA GLU D 38 -38.55 23.40 32.60
C GLU D 38 -38.24 21.97 32.17
N GLY D 39 -38.81 21.58 31.04
CA GLY D 39 -38.53 20.28 30.45
C GLY D 39 -38.10 20.42 29.01
N GLY D 40 -38.11 19.32 28.26
CA GLY D 40 -37.70 19.38 26.88
C GLY D 40 -38.65 20.15 26.00
N PHE D 41 -39.93 20.23 26.40
CA PHE D 41 -40.96 20.79 25.53
C PHE D 41 -41.83 21.83 26.25
N GLY D 42 -41.33 22.45 27.31
CA GLY D 42 -42.13 23.46 27.98
C GLY D 42 -41.54 23.86 29.31
N VAL D 43 -42.19 24.86 29.91
CA VAL D 43 -41.81 25.43 31.20
C VAL D 43 -42.99 25.31 32.15
N VAL D 44 -42.71 25.00 33.41
CA VAL D 44 -43.74 24.82 34.43
C VAL D 44 -43.81 26.07 35.30
N TYR D 45 -45.01 26.62 35.45
CA TYR D 45 -45.23 27.85 36.21
C TYR D 45 -46.14 27.58 37.39
N LYS D 46 -45.89 28.31 38.48
CA LYS D 46 -46.75 28.24 39.66
C LYS D 46 -48.00 29.09 39.46
N GLY D 47 -49.17 28.50 39.74
CA GLY D 47 -50.42 29.20 39.55
C GLY D 47 -51.39 28.92 40.69
N TYR D 48 -52.43 29.76 40.74
CA TYR D 48 -53.47 29.65 41.77
C TYR D 48 -54.83 29.71 41.08
N VAL D 49 -55.54 28.60 41.06
CA VAL D 49 -56.92 28.54 40.60
C VAL D 49 -57.79 28.36 41.84
N ASN D 50 -58.47 29.42 42.25
CA ASN D 50 -59.23 29.46 43.50
C ASN D 50 -58.24 29.17 44.63
N ASN D 51 -58.62 28.37 45.63
CA ASN D 51 -57.65 27.99 46.66
C ASN D 51 -56.64 26.98 46.13
N THR D 52 -56.95 26.31 45.02
CA THR D 52 -56.09 25.23 44.52
C THR D 52 -54.82 25.80 43.89
N THR D 53 -53.68 25.46 44.46
CA THR D 53 -52.41 25.72 43.80
C THR D 53 -52.25 24.76 42.63
N VAL D 54 -51.92 25.29 41.45
CA VAL D 54 -51.82 24.49 40.25
C VAL D 54 -50.44 24.68 39.63
N ALA D 55 -50.04 23.68 38.84
CA ALA D 55 -48.85 23.75 38.01
C ALA D 55 -49.28 23.91 36.56
N VAL D 56 -48.73 24.91 35.88
CA VAL D 56 -49.10 25.24 34.52
C VAL D 56 -47.90 25.00 33.62
N LYS D 57 -48.00 24.01 32.73
CA LYS D 57 -46.97 23.72 31.74
C LYS D 57 -47.37 24.37 30.42
N LYS D 58 -46.57 25.35 29.99
CA LYS D 58 -46.75 25.97 28.67
C LYS D 58 -45.82 25.29 27.69
N LEU D 59 -46.41 24.60 26.70
CA LEU D 59 -45.63 23.88 25.70
C LEU D 59 -44.91 24.87 24.80
N ALA D 60 -43.58 24.75 24.74
CA ALA D 60 -42.77 25.61 23.88
C ALA D 60 -41.40 24.98 23.72
N ALA D 61 -41.01 24.68 22.48
CA ALA D 61 -39.69 24.11 22.21
C ALA D 61 -39.16 24.61 20.87
N ILE D 65 -38.71 21.65 17.25
CA ILE D 65 -39.77 20.71 16.93
C ILE D 65 -40.84 21.40 16.10
N THR D 66 -41.60 20.62 15.33
CA THR D 66 -42.67 21.18 14.52
C THR D 66 -43.80 21.70 15.39
N THR D 67 -44.43 22.79 14.93
CA THR D 67 -45.58 23.32 15.65
C THR D 67 -46.70 22.29 15.75
N GLU D 68 -46.97 21.58 14.66
CA GLU D 68 -48.02 20.56 14.71
C GLU D 68 -47.59 19.36 15.54
N GLU D 69 -46.29 19.06 15.60
CA GLU D 69 -45.82 17.97 16.44
C GLU D 69 -45.96 18.31 17.92
N LEU D 70 -45.82 19.58 18.28
CA LEU D 70 -46.13 19.99 19.65
C LEU D 70 -47.60 19.85 19.96
N LYS D 71 -48.45 19.97 18.93
CA LYS D 71 -49.90 19.85 19.13
C LYS D 71 -50.30 18.41 19.39
N GLN D 72 -49.71 17.45 18.66
CA GLN D 72 -50.07 16.05 18.88
C GLN D 72 -49.59 15.56 20.25
N GLN D 73 -48.48 16.11 20.75
CA GLN D 73 -48.07 15.80 22.12
C GLN D 73 -49.04 16.38 23.13
N PHE D 74 -49.56 17.58 22.84
CA PHE D 74 -50.62 18.18 23.66
C PHE D 74 -51.81 17.24 23.77
N ASP D 75 -52.33 16.79 22.63
CA ASP D 75 -53.52 15.96 22.65
C ASP D 75 -53.25 14.57 23.21
N GLN D 76 -52.06 14.03 22.94
CA GLN D 76 -51.73 12.69 23.45
C GLN D 76 -51.65 12.69 24.97
N GLU D 77 -51.06 13.75 25.55
CA GLU D 77 -51.01 13.85 27.01
C GLU D 77 -52.41 13.88 27.61
N ILE D 78 -53.32 14.64 27.00
CA ILE D 78 -54.70 14.66 27.49
C ILE D 78 -55.37 13.31 27.27
N LYS D 79 -55.05 12.65 26.15
CA LYS D 79 -55.65 11.36 25.85
C LYS D 79 -55.30 10.33 26.92
N VAL D 80 -54.01 10.19 27.22
CA VAL D 80 -53.59 9.17 28.19
C VAL D 80 -53.98 9.59 29.62
N MET D 81 -53.96 10.89 29.91
CA MET D 81 -54.35 11.32 31.25
C MET D 81 -55.83 11.10 31.51
N ALA D 82 -56.65 11.07 30.46
CA ALA D 82 -58.06 10.75 30.63
C ALA D 82 -58.25 9.28 30.95
N LYS D 83 -57.42 8.41 30.35
CA LYS D 83 -57.54 6.98 30.54
C LYS D 83 -56.80 6.48 31.78
N CYS D 84 -55.74 7.18 32.21
CA CYS D 84 -54.84 6.70 33.26
C CYS D 84 -54.92 7.62 34.47
N GLN D 85 -55.61 7.16 35.51
CA GLN D 85 -55.61 7.81 36.82
C GLN D 85 -55.18 6.80 37.87
N HIS D 86 -54.21 7.18 38.68
CA HIS D 86 -53.62 6.26 39.64
C HIS D 86 -52.99 7.06 40.77
N GLU D 87 -52.78 6.39 41.90
CA GLU D 87 -52.19 7.05 43.07
C GLU D 87 -50.79 7.58 42.79
N ASN D 88 -50.06 6.96 41.88
CA ASN D 88 -48.67 7.31 41.60
C ASN D 88 -48.51 8.00 40.26
N LEU D 89 -49.56 8.64 39.76
CA LEU D 89 -49.51 9.44 38.55
C LEU D 89 -50.05 10.84 38.86
N VAL D 90 -49.52 11.83 38.16
CA VAL D 90 -49.98 13.20 38.36
C VAL D 90 -51.39 13.36 37.81
N GLU D 91 -52.13 14.32 38.37
CA GLU D 91 -53.51 14.57 37.98
C GLU D 91 -53.57 15.81 37.11
N LEU D 92 -54.06 15.65 35.88
CA LEU D 92 -54.31 16.78 34.99
C LEU D 92 -55.65 17.41 35.32
N LEU D 93 -55.65 18.74 35.49
CA LEU D 93 -56.88 19.44 35.82
C LEU D 93 -57.56 20.02 34.58
N GLY D 94 -56.78 20.47 33.61
CA GLY D 94 -57.38 21.05 32.42
C GLY D 94 -56.32 21.51 31.44
N PHE D 95 -56.76 22.26 30.45
CA PHE D 95 -55.91 22.65 29.34
C PHE D 95 -56.37 23.99 28.79
N SER D 96 -55.53 24.56 27.92
CA SER D 96 -55.85 25.79 27.21
C SER D 96 -55.13 25.77 25.87
N SER D 97 -55.88 25.93 24.78
CA SER D 97 -55.30 25.83 23.45
C SER D 97 -55.54 27.09 22.63
N ASP D 98 -55.25 28.25 23.19
CA ASP D 98 -55.43 29.52 22.49
C ASP D 98 -54.09 30.10 22.06
N LEU D 102 -50.51 26.77 23.99
CA LEU D 102 -50.87 25.48 24.56
C LEU D 102 -50.44 25.40 26.03
N CYS D 103 -51.38 25.04 26.90
CA CYS D 103 -51.13 24.98 28.34
C CYS D 103 -51.84 23.77 28.92
N LEU D 104 -51.19 23.12 29.88
CA LEU D 104 -51.77 22.01 30.63
C LEU D 104 -51.70 22.34 32.11
N VAL D 105 -52.81 22.14 32.82
CA VAL D 105 -52.95 22.53 34.21
C VAL D 105 -53.02 21.28 35.08
N TYR D 106 -52.07 21.14 36.00
CA TYR D 106 -52.01 20.02 36.91
C TYR D 106 -52.15 20.50 38.35
N VAL D 107 -52.38 19.54 39.25
CA VAL D 107 -52.35 19.83 40.67
C VAL D 107 -50.91 20.04 41.10
N TYR D 108 -50.66 21.13 41.84
CA TYR D 108 -49.33 21.47 42.29
C TYR D 108 -48.74 20.36 43.15
N MET D 109 -47.44 20.09 42.96
CA MET D 109 -46.74 19.11 43.76
C MET D 109 -45.87 19.83 44.77
N PRO D 110 -46.17 19.77 46.07
CA PRO D 110 -45.45 20.60 47.05
C PRO D 110 -43.96 20.31 47.14
N ASN D 111 -43.51 19.11 46.76
CA ASN D 111 -42.11 18.76 46.90
C ASN D 111 -41.40 18.57 45.57
N GLY D 112 -41.99 19.05 44.47
CA GLY D 112 -41.30 19.13 43.20
C GLY D 112 -40.85 17.79 42.64
N SER D 113 -39.71 17.82 41.95
CA SER D 113 -39.21 16.67 41.23
C SER D 113 -38.19 15.90 42.07
N LEU D 114 -38.11 14.59 41.82
CA LEU D 114 -37.11 13.77 42.50
C LEU D 114 -35.71 14.26 42.19
N LEU D 115 -35.45 14.66 40.94
CA LEU D 115 -34.14 15.15 40.55
C LEU D 115 -33.71 16.35 41.38
N ASP D 116 -34.65 17.26 41.66
CA ASP D 116 -34.29 18.45 42.42
C ASP D 116 -34.11 18.13 43.89
N ARG D 117 -34.88 17.18 44.43
CA ARG D 117 -34.71 16.80 45.83
C ARG D 117 -33.44 15.98 46.03
N LEU D 118 -33.10 15.14 45.06
CA LEU D 118 -31.83 14.40 45.16
C LEU D 118 -30.65 15.35 45.19
N SER D 119 -30.76 16.52 44.56
CA SER D 119 -29.71 17.52 44.57
C SER D 119 -29.92 18.60 45.63
N CYS D 120 -30.97 18.47 46.45
CA CYS D 120 -31.27 19.45 47.51
C CYS D 120 -31.39 20.86 46.93
N LEU D 121 -32.05 20.96 45.77
CA LEU D 121 -32.18 22.26 45.11
C LEU D 121 -33.03 23.21 45.96
N ASP D 122 -32.64 24.48 45.95
CA ASP D 122 -33.28 25.55 46.72
C ASP D 122 -33.17 25.33 48.22
N GLY D 123 -32.29 24.43 48.66
CA GLY D 123 -32.01 24.26 50.06
C GLY D 123 -32.84 23.23 50.79
N THR D 124 -33.56 22.37 50.08
CA THR D 124 -34.38 21.37 50.75
C THR D 124 -33.50 20.31 51.40
N PRO D 125 -33.93 19.76 52.54
CA PRO D 125 -33.09 18.80 53.24
C PRO D 125 -32.98 17.50 52.47
N PRO D 126 -31.85 16.80 52.58
CA PRO D 126 -31.67 15.56 51.81
C PRO D 126 -32.70 14.50 52.16
N LEU D 127 -33.04 13.68 51.17
CA LEU D 127 -33.98 12.59 51.37
C LEU D 127 -33.31 11.44 52.12
N SER D 128 -34.00 10.91 53.12
CA SER D 128 -33.50 9.77 53.85
C SER D 128 -33.63 8.49 53.01
N TRP D 129 -32.90 7.46 53.43
CA TRP D 129 -33.03 6.16 52.77
C TRP D 129 -34.46 5.63 52.87
N HIS D 130 -35.12 5.87 54.00
CA HIS D 130 -36.49 5.41 54.18
C HIS D 130 -37.42 6.08 53.16
N MET D 131 -37.31 7.40 53.02
CA MET D 131 -38.10 8.10 52.02
C MET D 131 -37.76 7.63 50.61
N ARG D 132 -36.48 7.34 50.37
CA ARG D 132 -36.05 6.92 49.03
C ARG D 132 -36.64 5.56 48.67
N CYS D 133 -36.73 4.66 49.63
CA CYS D 133 -37.34 3.36 49.35
C CYS D 133 -38.83 3.51 49.02
N LYS D 134 -39.52 4.39 49.75
CA LYS D 134 -40.94 4.62 49.46
C LYS D 134 -41.12 5.23 48.07
N ILE D 135 -40.19 6.10 47.66
CA ILE D 135 -40.30 6.74 46.36
C ILE D 135 -40.08 5.73 45.24
N ALA D 136 -39.09 4.84 45.40
CA ALA D 136 -38.83 3.84 44.37
C ALA D 136 -40.01 2.90 44.21
N GLN D 137 -40.62 2.46 45.31
CA GLN D 137 -41.76 1.57 45.22
C GLN D 137 -42.94 2.25 44.53
N GLY D 138 -43.25 3.49 44.92
CA GLY D 138 -44.37 4.18 44.33
C GLY D 138 -44.19 4.45 42.85
N ALA D 139 -42.99 4.89 42.46
CA ALA D 139 -42.70 5.07 41.04
C ALA D 139 -42.88 3.77 40.27
N ALA D 140 -42.44 2.65 40.85
CA ALA D 140 -42.66 1.36 40.22
C ALA D 140 -44.15 1.05 40.10
N ASN D 141 -44.93 1.39 41.13
CA ASN D 141 -46.37 1.19 41.05
C ASN D 141 -46.97 1.96 39.88
N GLY D 142 -46.52 3.19 39.67
CA GLY D 142 -47.04 3.97 38.56
C GLY D 142 -46.67 3.40 37.20
N ILE D 143 -45.41 2.96 37.04
CA ILE D 143 -44.99 2.33 35.80
C ILE D 143 -45.77 1.04 35.58
N ASN D 144 -46.02 0.29 36.65
CA ASN D 144 -46.79 -0.95 36.52
C ASN D 144 -48.20 -0.67 36.06
N PHE D 145 -48.82 0.40 36.57
CA PHE D 145 -50.16 0.76 36.13
C PHE D 145 -50.16 1.12 34.65
N LEU D 146 -49.17 1.90 34.21
CA LEU D 146 -49.11 2.29 32.81
C LEU D 146 -48.93 1.09 31.89
N HIS D 147 -48.01 0.18 32.26
CA HIS D 147 -47.78 -1.00 31.45
C HIS D 147 -48.97 -1.96 31.49
N GLU D 148 -49.64 -2.05 32.65
CA GLU D 148 -50.83 -2.89 32.74
C GLU D 148 -51.92 -2.40 31.79
N ASN D 149 -52.03 -1.09 31.59
CA ASN D 149 -52.98 -0.52 30.66
C ASN D 149 -52.40 -0.33 29.27
N HIS D 150 -51.32 -1.04 28.94
CA HIS D 150 -50.74 -1.08 27.60
C HIS D 150 -50.32 0.32 27.14
N HIS D 151 -49.50 0.97 27.96
CA HIS D 151 -48.96 2.29 27.65
C HIS D 151 -47.47 2.30 27.93
N ILE D 152 -46.74 3.04 27.10
CA ILE D 152 -45.29 3.20 27.24
C ILE D 152 -45.00 4.68 27.46
N HIS D 153 -44.23 4.98 28.50
CA HIS D 153 -44.01 6.38 28.87
C HIS D 153 -42.98 7.04 27.96
N ARG D 154 -41.84 6.37 27.73
CA ARG D 154 -40.76 6.74 26.83
C ARG D 154 -39.85 7.83 27.38
N ASP D 155 -40.17 8.43 28.54
CA ASP D 155 -39.35 9.51 29.09
C ASP D 155 -39.27 9.38 30.60
N ILE D 156 -39.03 8.17 31.08
CA ILE D 156 -38.89 7.93 32.51
C ILE D 156 -37.55 8.50 32.98
N LYS D 157 -37.59 9.46 33.90
CA LYS D 157 -36.40 10.01 34.51
C LYS D 157 -36.78 10.67 35.83
N SER D 158 -35.77 11.07 36.59
CA SER D 158 -36.02 11.61 37.92
C SER D 158 -36.69 12.98 37.87
N ALA D 159 -36.48 13.74 36.79
CA ALA D 159 -37.18 15.00 36.63
C ALA D 159 -38.66 14.81 36.29
N ASN D 160 -39.08 13.60 35.95
CA ASN D 160 -40.48 13.30 35.65
C ASN D 160 -41.15 12.49 36.74
N ILE D 161 -40.44 12.23 37.84
CA ILE D 161 -41.03 11.63 39.03
C ILE D 161 -41.20 12.74 40.05
N LEU D 162 -42.44 13.14 40.29
CA LEU D 162 -42.74 14.25 41.19
C LEU D 162 -43.20 13.73 42.54
N LEU D 163 -43.12 14.60 43.56
CA LEU D 163 -43.36 14.22 44.94
C LEU D 163 -44.40 15.15 45.55
N ASP D 164 -45.46 14.57 46.11
CA ASP D 164 -46.56 15.33 46.67
C ASP D 164 -46.24 15.67 48.13
N GLU D 165 -47.26 16.06 48.90
CA GLU D 165 -47.05 16.47 50.28
C GLU D 165 -46.71 15.32 51.22
N ALA D 166 -46.78 14.07 50.76
CA ALA D 166 -46.32 12.95 51.55
C ALA D 166 -45.07 12.30 50.97
N PHE D 167 -44.42 12.99 50.02
CA PHE D 167 -43.29 12.43 49.26
C PHE D 167 -43.69 11.13 48.55
N THR D 168 -44.94 11.07 48.12
CA THR D 168 -45.40 9.98 47.27
C THR D 168 -44.96 10.24 45.83
N ALA D 169 -44.34 9.23 45.22
CA ALA D 169 -43.85 9.39 43.86
C ALA D 169 -45.01 9.49 42.88
N LYS D 170 -44.92 10.45 41.95
CA LYS D 170 -45.93 10.67 40.93
C LYS D 170 -45.25 10.86 39.59
N ILE D 171 -45.61 10.04 38.61
CA ILE D 171 -45.03 10.11 37.27
C ILE D 171 -45.76 11.19 36.47
N SER D 172 -44.99 12.03 35.77
CA SER D 172 -45.54 13.14 35.02
C SER D 172 -45.00 13.11 33.59
N ASP D 173 -45.38 14.14 32.83
CA ASP D 173 -45.05 14.29 31.40
C ASP D 173 -45.43 13.06 30.61
N PHE D 174 -46.66 13.04 30.08
CA PHE D 174 -47.16 11.94 29.28
C PHE D 174 -47.34 12.33 27.82
N GLY D 175 -46.68 13.41 27.38
CA GLY D 175 -46.85 13.86 26.02
C GLY D 175 -46.13 13.01 24.99
N LEU D 176 -45.06 12.35 25.40
CA LEU D 176 -44.32 11.44 24.52
C LEU D 176 -44.76 9.99 24.67
N ALA D 177 -45.86 9.74 25.39
CA ALA D 177 -46.31 8.38 25.64
C ALA D 177 -46.98 7.79 24.41
N ARG D 178 -46.94 6.46 24.32
CA ARG D 178 -47.52 5.73 23.20
C ARG D 178 -48.23 4.49 23.71
N ALA D 179 -49.15 3.98 22.90
CA ALA D 179 -49.87 2.76 23.23
C ALA D 179 -49.09 1.54 22.78
N SER D 180 -49.58 0.37 23.18
CA SER D 180 -48.91 -0.89 22.85
C SER D 180 -49.91 -1.92 22.33
N VAL D 187 -42.14 -2.04 17.79
CA VAL D 187 -42.30 -1.15 16.64
C VAL D 187 -41.17 -0.12 16.62
N MET D 188 -41.07 0.61 15.50
CA MET D 188 -40.05 1.64 15.35
C MET D 188 -40.67 2.98 14.99
N ARG D 191 -38.96 9.48 14.62
CA ARG D 191 -38.48 10.53 15.52
C ARG D 191 -38.11 9.98 16.89
N ILE D 192 -36.82 9.85 17.16
CA ILE D 192 -36.36 9.38 18.46
C ILE D 192 -36.36 10.54 19.44
N VAL D 193 -36.88 10.30 20.65
CA VAL D 193 -37.09 11.36 21.63
C VAL D 193 -36.77 10.83 23.03
N GLY D 194 -36.66 11.77 23.96
CA GLY D 194 -36.34 11.44 25.34
C GLY D 194 -35.03 12.06 25.80
N THR D 195 -34.47 11.53 26.88
CA THR D 195 -33.23 12.03 27.46
C THR D 195 -32.17 10.95 27.35
N THR D 196 -31.09 11.25 26.61
CA THR D 196 -30.10 10.24 26.23
C THR D 196 -29.56 9.48 27.43
N ALA D 197 -29.35 10.19 28.55
CA ALA D 197 -28.76 9.57 29.73
C ALA D 197 -29.61 8.45 30.31
N TYR D 198 -30.90 8.40 29.99
CA TYR D 198 -31.81 7.43 30.57
C TYR D 198 -32.31 6.39 29.57
N MET D 199 -31.91 6.46 28.30
CA MET D 199 -32.50 5.58 27.31
C MET D 199 -31.74 4.26 27.19
N ALA D 200 -32.49 3.20 26.93
CA ALA D 200 -31.92 1.92 26.58
C ALA D 200 -31.33 1.99 25.17
N PRO D 201 -30.33 1.16 24.87
CA PRO D 201 -29.73 1.22 23.52
C PRO D 201 -30.73 0.97 22.41
N GLU D 202 -31.72 0.10 22.63
CA GLU D 202 -32.71 -0.15 21.59
C GLU D 202 -33.60 1.06 21.36
N ALA D 203 -33.80 1.88 22.39
CA ALA D 203 -34.59 3.10 22.23
C ALA D 203 -33.82 4.15 21.45
N LEU D 204 -32.50 4.22 21.66
CA LEU D 204 -31.66 5.13 20.87
C LEU D 204 -31.59 4.70 19.41
N ARG D 205 -31.96 3.46 19.10
CA ARG D 205 -32.05 3.00 17.73
C ARG D 205 -33.44 3.19 17.13
N GLY D 206 -34.39 3.72 17.90
CA GLY D 206 -35.71 4.02 17.40
C GLY D 206 -36.80 3.05 17.75
N GLU D 207 -36.52 2.02 18.55
CA GLU D 207 -37.54 1.05 18.92
C GLU D 207 -38.41 1.58 20.04
N ILE D 208 -39.68 1.16 20.04
CA ILE D 208 -40.66 1.56 21.04
C ILE D 208 -41.14 0.29 21.74
N THR D 209 -40.75 0.12 23.00
CA THR D 209 -41.09 -1.08 23.74
C THR D 209 -41.18 -0.74 25.22
N PRO D 210 -42.07 -1.41 25.96
CA PRO D 210 -42.08 -1.22 27.43
C PRO D 210 -40.78 -1.59 28.09
N LYS D 211 -39.94 -2.42 27.44
CA LYS D 211 -38.66 -2.79 28.01
C LYS D 211 -37.72 -1.59 28.12
N SER D 212 -37.97 -0.53 27.34
CA SER D 212 -37.16 0.68 27.47
C SER D 212 -37.49 1.43 28.75
N ASP D 213 -38.75 1.38 29.18
CA ASP D 213 -39.12 2.04 30.44
C ASP D 213 -38.45 1.37 31.62
N ILE D 214 -38.29 0.05 31.58
CA ILE D 214 -37.63 -0.66 32.67
C ILE D 214 -36.19 -0.21 32.79
N TYR D 215 -35.49 -0.12 31.65
CA TYR D 215 -34.09 0.31 31.66
C TYR D 215 -33.95 1.72 32.21
N SER D 216 -34.84 2.64 31.82
CA SER D 216 -34.79 3.99 32.34
C SER D 216 -35.02 4.02 33.85
N PHE D 217 -35.88 3.13 34.35
CA PHE D 217 -36.12 3.05 35.78
C PHE D 217 -34.86 2.62 36.53
N GLY D 218 -34.06 1.74 35.92
CA GLY D 218 -32.80 1.36 36.52
C GLY D 218 -31.86 2.53 36.70
N VAL D 219 -31.80 3.41 35.70
CA VAL D 219 -31.01 4.63 35.85
C VAL D 219 -31.53 5.47 37.00
N VAL D 220 -32.85 5.53 37.16
CA VAL D 220 -33.45 6.27 38.27
C VAL D 220 -33.04 5.64 39.60
N LEU D 221 -33.10 4.31 39.68
CA LEU D 221 -32.70 3.63 40.91
C LEU D 221 -31.26 3.94 41.29
N LEU D 222 -30.38 4.02 40.29
CA LEU D 222 -28.99 4.40 40.57
C LEU D 222 -28.91 5.83 41.11
N GLU D 223 -29.71 6.73 40.53
CA GLU D 223 -29.76 8.10 41.04
C GLU D 223 -30.20 8.14 42.50
N ILE D 224 -31.17 7.31 42.85
CA ILE D 224 -31.68 7.30 44.22
C ILE D 224 -30.63 6.75 45.18
N ILE D 225 -29.86 5.75 44.74
CA ILE D 225 -28.82 5.17 45.59
C ILE D 225 -27.68 6.16 45.78
N THR D 226 -27.22 6.77 44.69
CA THR D 226 -26.01 7.58 44.71
C THR D 226 -26.27 9.06 44.98
N GLY D 227 -27.48 9.55 44.71
CA GLY D 227 -27.70 10.99 44.76
C GLY D 227 -27.02 11.76 43.65
N LEU D 228 -26.49 11.07 42.63
CA LEU D 228 -25.81 11.69 41.49
C LEU D 228 -26.75 11.78 40.30
N PRO D 229 -26.67 12.87 39.54
CA PRO D 229 -27.46 12.95 38.30
C PRO D 229 -26.96 11.96 37.26
N ALA D 230 -27.84 11.64 36.31
CA ALA D 230 -27.48 10.68 35.28
C ALA D 230 -26.38 11.20 34.37
N VAL D 231 -26.30 12.52 34.18
CA VAL D 231 -25.24 13.16 33.41
C VAL D 231 -24.62 14.28 34.23
N ASP D 232 -23.29 14.38 34.16
CA ASP D 232 -22.58 15.55 34.67
C ASP D 232 -21.38 15.74 33.76
N GLU D 233 -21.35 16.85 33.03
CA GLU D 233 -20.28 17.10 32.08
C GLU D 233 -18.93 17.23 32.78
N HIS D 234 -18.92 17.68 34.03
CA HIS D 234 -17.70 17.84 34.81
C HIS D 234 -17.48 16.70 35.80
N ARG D 235 -17.87 15.49 35.44
CA ARG D 235 -17.73 14.33 36.30
C ARG D 235 -17.08 13.18 35.53
N GLU D 236 -16.33 12.36 36.25
CA GLU D 236 -15.75 11.14 35.69
C GLU D 236 -16.21 9.95 36.51
N PRO D 237 -17.01 9.04 35.94
CA PRO D 237 -17.52 9.05 34.58
C PRO D 237 -18.71 9.99 34.41
N GLN D 238 -18.91 10.53 33.21
CA GLN D 238 -20.02 11.45 32.99
C GLN D 238 -21.37 10.74 33.04
N LEU D 239 -21.42 9.50 32.58
CA LEU D 239 -22.65 8.73 32.56
C LEU D 239 -22.77 7.91 33.84
N LEU D 240 -23.91 8.03 34.51
CA LEU D 240 -24.09 7.30 35.77
C LEU D 240 -24.11 5.80 35.54
N LEU D 241 -24.74 5.34 34.46
CA LEU D 241 -24.84 3.91 34.20
C LEU D 241 -23.49 3.26 33.93
N ASP D 242 -22.42 4.04 33.82
CA ASP D 242 -21.09 3.47 33.69
C ASP D 242 -20.54 2.93 35.00
N ILE D 243 -21.15 3.28 36.14
CA ILE D 243 -20.69 2.74 37.40
C ILE D 243 -21.11 1.28 37.57
N LYS D 244 -22.13 0.83 36.81
CA LYS D 244 -22.50 -0.57 36.86
C LYS D 244 -21.37 -1.46 36.34
N GLU D 245 -20.67 -1.00 35.30
CA GLU D 245 -19.52 -1.76 34.79
C GLU D 245 -18.35 -1.68 35.76
N GLU D 246 -18.12 -0.51 36.36
CA GLU D 246 -17.03 -0.37 37.32
C GLU D 246 -17.21 -1.29 38.52
N ILE D 247 -18.46 -1.56 38.90
CA ILE D 247 -18.73 -2.43 40.03
C ILE D 247 -18.69 -3.89 39.61
N GLU D 248 -19.26 -4.22 38.44
CA GLU D 248 -19.26 -5.60 37.97
C GLU D 248 -17.85 -6.07 37.61
N ASP D 249 -16.96 -5.15 37.25
CA ASP D 249 -15.57 -5.48 37.01
C ASP D 249 -14.76 -5.60 38.31
N GLU D 250 -15.43 -5.58 39.46
CA GLU D 250 -14.84 -5.71 40.79
C GLU D 250 -13.82 -4.62 41.10
N GLU D 251 -13.75 -3.58 40.28
CA GLU D 251 -12.87 -2.46 40.61
C GLU D 251 -13.39 -1.68 41.82
N LYS D 252 -14.70 -1.60 41.98
CA LYS D 252 -15.33 -0.92 43.10
C LYS D 252 -16.55 -1.74 43.52
N THR D 253 -17.20 -1.30 44.60
CA THR D 253 -18.48 -1.85 45.02
C THR D 253 -19.48 -0.73 45.22
N ILE D 254 -20.75 -1.11 45.37
CA ILE D 254 -21.83 -0.12 45.41
C ILE D 254 -21.70 0.80 46.61
N GLU D 255 -21.05 0.34 47.68
CA GLU D 255 -20.94 1.15 48.89
C GLU D 255 -20.08 2.40 48.66
N ASP D 256 -19.14 2.34 47.73
CA ASP D 256 -18.33 3.52 47.44
C ASP D 256 -19.14 4.65 46.82
N TYR D 257 -20.29 4.35 46.23
CA TYR D 257 -21.10 5.34 45.55
C TYR D 257 -22.36 5.72 46.30
N ILE D 258 -22.64 5.08 47.44
CA ILE D 258 -23.82 5.40 48.23
C ILE D 258 -23.83 6.88 48.57
N ASP D 259 -24.98 7.52 48.36
CA ASP D 259 -25.15 8.93 48.72
C ASP D 259 -24.74 9.15 50.17
N LYS D 260 -23.67 9.92 50.37
CA LYS D 260 -23.18 10.20 51.72
C LYS D 260 -24.10 11.14 52.49
N LYS D 261 -25.13 11.69 51.84
CA LYS D 261 -26.03 12.63 52.50
C LYS D 261 -27.20 11.86 53.12
N MET D 262 -26.95 10.62 53.55
CA MET D 262 -27.90 9.82 54.27
C MET D 262 -27.25 9.28 55.53
N ASN D 263 -28.07 9.01 56.54
CA ASN D 263 -27.59 8.39 57.77
C ASN D 263 -28.37 7.14 58.16
N ASP D 264 -29.36 6.73 57.37
CA ASP D 264 -30.21 5.60 57.71
C ASP D 264 -30.10 4.44 56.73
N ALA D 265 -29.21 4.53 55.75
CA ALA D 265 -29.05 3.46 54.78
C ALA D 265 -28.29 2.30 55.40
N ASP D 266 -28.74 1.09 55.10
CA ASP D 266 -28.07 -0.13 55.52
C ASP D 266 -27.57 -0.88 54.29
N SER D 267 -26.50 -1.65 54.49
CA SER D 267 -25.84 -2.32 53.37
C SER D 267 -26.77 -3.29 52.65
N THR D 268 -27.51 -4.10 53.42
CA THR D 268 -28.35 -5.13 52.82
C THR D 268 -29.39 -4.53 51.88
N SER D 269 -30.14 -3.53 52.37
CA SER D 269 -31.21 -2.96 51.56
C SER D 269 -30.65 -2.22 50.35
N VAL D 270 -29.56 -1.47 50.53
CA VAL D 270 -28.96 -0.75 49.41
C VAL D 270 -28.52 -1.72 48.32
N GLU D 271 -27.86 -2.81 48.72
CA GLU D 271 -27.47 -3.82 47.74
C GLU D 271 -28.67 -4.53 47.14
N ALA D 272 -29.81 -4.54 47.84
CA ALA D 272 -31.02 -5.13 47.26
C ALA D 272 -31.59 -4.25 46.16
N MET D 273 -31.67 -2.95 46.39
CA MET D 273 -32.14 -2.04 45.35
C MET D 273 -31.18 -2.03 44.16
N TYR D 274 -29.88 -2.13 44.43
CA TYR D 274 -28.91 -2.15 43.34
C TYR D 274 -29.04 -3.41 42.50
N SER D 275 -29.36 -4.54 43.13
CA SER D 275 -29.57 -5.77 42.37
C SER D 275 -30.74 -5.64 41.41
N VAL D 276 -31.77 -4.89 41.79
CA VAL D 276 -32.87 -4.61 40.88
C VAL D 276 -32.40 -3.68 39.76
N ALA D 277 -31.63 -2.65 40.12
CA ALA D 277 -31.20 -1.66 39.12
C ALA D 277 -30.32 -2.28 38.05
N SER D 278 -29.39 -3.16 38.46
CA SER D 278 -28.54 -3.82 37.49
C SER D 278 -29.34 -4.76 36.59
N GLN D 279 -30.40 -5.37 37.12
CA GLN D 279 -31.28 -6.19 36.28
C GLN D 279 -32.00 -5.34 35.24
N CYS D 280 -32.53 -4.19 35.66
CA CYS D 280 -33.18 -3.28 34.70
C CYS D 280 -32.19 -2.77 33.66
N LEU D 281 -30.92 -2.64 34.02
CA LEU D 281 -29.91 -2.10 33.11
C LEU D 281 -29.26 -3.18 32.25
N HIS D 282 -29.88 -4.35 32.14
CA HIS D 282 -29.38 -5.37 31.24
C HIS D 282 -29.45 -4.87 29.80
N GLU D 283 -28.33 -4.98 29.09
CA GLU D 283 -28.22 -4.40 27.76
C GLU D 283 -29.14 -5.09 26.75
N LYS D 284 -29.52 -6.34 26.98
CA LYS D 284 -30.47 -7.03 26.11
C LYS D 284 -31.86 -6.84 26.68
N LYS D 285 -32.77 -6.31 25.85
CA LYS D 285 -34.11 -5.96 26.35
C LYS D 285 -34.89 -7.18 26.81
N ASN D 286 -34.71 -8.31 26.15
CA ASN D 286 -35.45 -9.51 26.52
C ASN D 286 -34.97 -10.11 27.84
N LYS D 287 -33.77 -9.76 28.30
CA LYS D 287 -33.27 -10.24 29.57
C LYS D 287 -33.65 -9.34 30.74
N ARG D 288 -34.27 -8.20 30.48
CA ARG D 288 -34.73 -7.36 31.57
C ARG D 288 -36.01 -7.91 32.18
N PRO D 289 -36.19 -7.76 33.49
CA PRO D 289 -37.47 -8.15 34.10
C PRO D 289 -38.56 -7.18 33.71
N ASP D 290 -39.80 -7.67 33.78
CA ASP D 290 -40.94 -6.78 33.61
C ASP D 290 -41.15 -5.96 34.88
N ILE D 291 -42.01 -4.94 34.76
CA ILE D 291 -42.26 -4.05 35.89
C ILE D 291 -42.89 -4.82 37.04
N LYS D 292 -43.62 -5.90 36.75
CA LYS D 292 -44.24 -6.69 37.81
C LYS D 292 -43.20 -7.32 38.71
N LYS D 293 -42.14 -7.88 38.12
CA LYS D 293 -41.07 -8.46 38.93
C LYS D 293 -40.27 -7.37 39.63
N VAL D 294 -40.06 -6.23 38.97
CA VAL D 294 -39.41 -5.11 39.63
C VAL D 294 -40.23 -4.66 40.84
N GLN D 295 -41.55 -4.60 40.68
CA GLN D 295 -42.44 -4.26 41.80
C GLN D 295 -42.25 -5.25 42.95
N GLN D 296 -42.29 -6.54 42.65
CA GLN D 296 -42.19 -7.56 43.69
C GLN D 296 -40.84 -7.49 44.40
N LEU D 297 -39.76 -7.29 43.65
CA LEU D 297 -38.44 -7.26 44.26
C LEU D 297 -38.28 -6.03 45.16
N LEU D 298 -38.87 -4.90 44.78
CA LEU D 298 -38.79 -3.72 45.62
C LEU D 298 -39.62 -3.87 46.89
N GLN D 299 -40.76 -4.57 46.82
CA GLN D 299 -41.57 -4.77 48.01
C GLN D 299 -40.88 -5.72 48.98
N GLU D 300 -40.28 -6.80 48.47
CA GLU D 300 -39.53 -7.72 49.32
C GLU D 300 -38.35 -7.02 49.96
N MET D 301 -37.83 -5.97 49.32
CA MET D 301 -36.62 -5.30 49.80
C MET D 301 -36.82 -4.66 51.17
N THR D 302 -38.05 -4.22 51.48
CA THR D 302 -38.32 -3.61 52.78
C THR D 302 -38.96 -4.58 53.77
N ALA D 303 -40.11 -5.15 53.42
CA ALA D 303 -40.83 -6.03 54.32
C ALA D 303 -40.15 -7.39 54.42
#